data_6KZ9
#
_entry.id   6KZ9
#
_cell.length_a   118.885
_cell.length_b   127.444
_cell.length_c   55.363
_cell.angle_alpha   90.000
_cell.angle_beta   95.470
_cell.angle_gamma   90.000
#
_symmetry.space_group_name_H-M   'C 1 2 1'
#
loop_
_entity.id
_entity.type
_entity.pdbx_description
1 polymer 'Phospholipase D alpha 1'
2 non-polymer 'CALCIUM ION'
3 water water
#
_entity_poly.entity_id   1
_entity_poly.type   'polypeptide(L)'
_entity_poly.pdbx_seq_one_letter_code
;MAQHLLHGTLHATIYEVDALHGGGVRQGFLGKILANVEETIGVGKGETQLYATIDLQKARVGRTRKIKNEPKNPKWYESF
HIYCAHLASDIIFTVKDDNPIGATLIGRAYIPVDQVINGEEVDQWVEILDNDRNPIQGGSKIHVKLQYFHVEEDRNWNMG
IKSAKFPGVPYTFFSQRQGCKVSLYQDAHIPDNFVPRIPLAGGKNYEPQRCWEDIFDAISNAKHLIYITGWSVYAEIALV
RDSRRPKPGGDVTIGELLKKKASEGVRVLLLVWDDRTSVDVLKKDGLMATHDEETENFFRGSDVHCILCPRNPDDGGSIV
QSLQISTMFTHHQKIVVVDSEMPSRGGSEMRRIVSFVGGIDLCDGRYDTPFHSLFRTLDTVHHDDFHQPNFTGAAITKGG
PREPWHDIHSRLEGPIAWDVMYNFEQRWSKQGGKDILVKLRDLSDIIITPSPVMFQEDHDVWNVQLFRSIDGGAAAGFPE
SPEAAAEAGLVSGKDNIIDRSIQDAYIHAIRRAKDFIYVENQYFLGSSFAWAADGITPEDINALHLIPKELSLKIVSKIE
KGEKFRVYVVVPMWPEGLPESGSVQAILDWQRRTMEMMYKDVIQALRAQGLEEDPRNYLTFFCLGNREVKKDGEYEPAEK
PDPDTDYMRAQEARRFMIYVHTKMMIVDDEYIIIGSANINQRSMDGARDSEIAMGGYQPHHLSHRQPARGQIHGFRMSLW
YEHLGMLDETFLDPSSLECIEKVNRISDKYWDFYSSESLEHDLPGHLLRYPIGVASEGDITELPGFEFFPDTKARILGTK
SDYLPPILTT
;
_entity_poly.pdbx_strand_id   A
#
# COMPACT_ATOMS: atom_id res chain seq x y z
N ALA A 2 17.58 4.33 -24.47
CA ALA A 2 17.85 3.00 -23.88
C ALA A 2 19.23 2.48 -24.29
N GLN A 3 20.16 2.42 -23.34
CA GLN A 3 21.50 1.92 -23.64
C GLN A 3 21.76 1.13 -22.36
N HIS A 4 21.71 1.73 -21.20
CA HIS A 4 22.40 1.93 -19.95
C HIS A 4 21.24 1.73 -18.99
N LEU A 5 21.34 0.72 -18.14
CA LEU A 5 20.38 0.54 -17.05
C LEU A 5 20.83 1.36 -15.85
N LEU A 6 20.07 2.39 -15.51
CA LEU A 6 20.28 3.12 -14.27
C LEU A 6 19.39 2.47 -13.21
N HIS A 7 19.98 1.61 -12.39
CA HIS A 7 19.28 0.99 -11.27
C HIS A 7 20.01 1.41 -9.99
N GLY A 8 19.40 2.32 -9.24
CA GLY A 8 20.08 2.90 -8.09
C GLY A 8 19.44 4.21 -7.69
N THR A 9 20.27 5.19 -7.32
CA THR A 9 19.76 6.47 -6.88
C THR A 9 20.53 7.55 -7.62
N LEU A 10 19.82 8.54 -8.14
CA LEU A 10 20.42 9.66 -8.87
C LEU A 10 20.21 10.91 -8.03
N HIS A 11 21.28 11.39 -7.40
CA HIS A 11 21.24 12.68 -6.72
C HIS A 11 21.37 13.79 -7.73
N ALA A 12 20.45 14.75 -7.69
CA ALA A 12 20.44 15.83 -8.67
C ALA A 12 20.17 17.15 -7.95
N THR A 13 20.77 18.21 -8.48
CA THR A 13 20.42 19.56 -8.11
C THR A 13 20.21 20.33 -9.39
N ILE A 14 19.07 21.01 -9.50
CA ILE A 14 18.83 21.93 -10.59
C ILE A 14 18.93 23.32 -10.01
N TYR A 15 19.99 24.04 -10.40
CA TYR A 15 20.30 25.33 -9.80
C TYR A 15 19.49 26.45 -10.43
N GLU A 16 19.70 26.70 -11.71
CA GLU A 16 19.13 27.87 -12.34
C GLU A 16 19.33 27.78 -13.85
N VAL A 17 18.61 28.64 -14.56
CA VAL A 17 18.94 29.01 -15.93
C VAL A 17 19.60 30.38 -15.86
N ASP A 18 20.75 30.53 -16.51
CA ASP A 18 21.53 31.76 -16.30
C ASP A 18 20.78 32.97 -16.83
N ALA A 19 20.22 32.90 -18.04
CA ALA A 19 19.50 34.04 -18.59
C ALA A 19 18.60 33.56 -19.71
N LEU A 20 17.31 33.85 -19.61
CA LEU A 20 16.37 33.61 -20.70
C LEU A 20 16.20 34.90 -21.48
N HIS A 21 16.55 34.86 -22.76
CA HIS A 21 16.49 36.04 -23.60
C HIS A 21 15.26 35.99 -24.50
N GLU A 47 1.25 35.73 -16.31
CA GLU A 47 2.14 35.45 -15.17
C GLU A 47 3.11 34.28 -15.41
N THR A 48 4.40 34.61 -15.57
CA THR A 48 5.37 33.58 -15.85
C THR A 48 5.63 32.72 -14.62
N GLN A 49 5.65 31.40 -14.81
CA GLN A 49 5.82 30.42 -13.76
C GLN A 49 6.81 29.39 -14.29
N LEU A 50 8.10 29.63 -14.05
CA LEU A 50 9.14 28.82 -14.67
C LEU A 50 9.48 27.61 -13.81
N TYR A 51 9.58 26.45 -14.46
CA TYR A 51 10.01 25.24 -13.77
C TYR A 51 10.78 24.37 -14.76
N ALA A 52 11.43 23.34 -14.23
CA ALA A 52 12.20 22.41 -15.02
C ALA A 52 11.82 20.99 -14.64
N THR A 53 11.74 20.11 -15.63
CA THR A 53 11.48 18.70 -15.40
C THR A 53 12.73 17.88 -15.70
N ILE A 54 12.82 16.71 -15.07
CA ILE A 54 13.89 15.75 -15.31
C ILE A 54 13.27 14.48 -15.85
N ASP A 55 13.76 14.02 -17.01
CA ASP A 55 13.36 12.75 -17.58
C ASP A 55 14.58 11.85 -17.73
N LEU A 56 14.38 10.55 -17.55
CA LEU A 56 15.38 9.55 -17.95
C LEU A 56 14.87 8.99 -19.27
N GLN A 57 15.46 9.43 -20.38
CA GLN A 57 14.94 9.19 -21.73
C GLN A 57 13.52 9.74 -21.76
N LYS A 58 12.52 8.93 -21.96
CA LYS A 58 11.15 9.42 -22.06
C LYS A 58 10.38 9.38 -20.75
N ALA A 59 11.03 8.91 -19.71
CA ALA A 59 10.37 8.63 -18.44
C ALA A 59 10.56 9.80 -17.47
N ARG A 60 9.46 10.45 -17.08
CA ARG A 60 9.54 11.56 -16.14
C ARG A 60 9.97 11.07 -14.75
N VAL A 61 10.93 11.76 -14.12
CA VAL A 61 11.35 11.37 -12.78
C VAL A 61 11.37 12.51 -11.77
N GLY A 62 11.17 13.74 -12.20
CA GLY A 62 11.09 14.82 -11.22
C GLY A 62 10.78 16.14 -11.89
N ARG A 63 10.42 17.11 -11.06
CA ARG A 63 10.24 18.48 -11.56
C ARG A 63 10.53 19.45 -10.43
N THR A 64 10.90 20.67 -10.79
CA THR A 64 11.09 21.69 -9.77
C THR A 64 9.75 22.37 -9.48
N ARG A 65 9.74 23.17 -8.42
CA ARG A 65 8.61 24.04 -8.21
C ARG A 65 8.61 25.14 -9.25
N LYS A 66 7.50 25.87 -9.33
CA LYS A 66 7.39 27.02 -10.24
C LYS A 66 7.93 28.28 -9.57
N ILE A 67 8.72 29.05 -10.31
CA ILE A 67 9.29 30.30 -9.81
C ILE A 67 8.58 31.46 -10.50
N LYS A 68 8.10 32.41 -9.72
CA LYS A 68 7.52 33.64 -10.22
C LYS A 68 8.45 34.81 -9.92
N ASN A 69 8.22 35.92 -10.62
CA ASN A 69 8.97 37.16 -10.40
C ASN A 69 10.45 37.00 -10.71
N GLU A 70 10.84 35.97 -11.46
CA GLU A 70 12.20 35.83 -11.97
C GLU A 70 12.14 35.37 -13.43
N PRO A 71 11.61 36.20 -14.31
CA PRO A 71 11.42 35.75 -15.70
C PRO A 71 12.71 35.52 -16.47
N LYS A 72 13.81 36.17 -16.11
CA LYS A 72 15.04 36.04 -16.89
C LYS A 72 16.04 35.05 -16.28
N ASN A 73 16.10 34.95 -14.96
CA ASN A 73 17.09 34.13 -14.27
C ASN A 73 16.40 33.33 -13.17
N PRO A 74 15.59 32.34 -13.54
CA PRO A 74 14.92 31.51 -12.52
C PRO A 74 15.95 30.69 -11.75
N LYS A 75 15.84 30.72 -10.43
CA LYS A 75 16.76 30.03 -9.54
C LYS A 75 15.93 29.10 -8.66
N TRP A 76 16.06 27.80 -8.87
CA TRP A 76 15.34 26.84 -8.07
C TRP A 76 16.16 26.33 -6.89
N TYR A 77 17.46 26.12 -7.11
CA TYR A 77 18.36 25.52 -6.11
C TYR A 77 17.71 24.33 -5.42
N GLU A 78 17.14 23.45 -6.25
CA GLU A 78 16.31 22.36 -5.77
C GLU A 78 17.04 21.02 -5.94
N SER A 79 16.98 20.20 -4.91
CA SER A 79 17.70 18.92 -4.95
C SER A 79 16.74 17.75 -4.95
N PHE A 80 17.20 16.64 -5.52
CA PHE A 80 16.42 15.44 -5.72
C PHE A 80 17.26 14.23 -5.34
N HIS A 81 16.58 13.19 -4.86
CA HIS A 81 17.18 11.86 -4.69
C HIS A 81 16.28 10.91 -5.48
N ILE A 82 16.57 10.78 -6.76
CA ILE A 82 15.68 10.09 -7.68
C ILE A 82 15.99 8.61 -7.65
N TYR A 83 14.95 7.80 -7.47
CA TYR A 83 15.11 6.36 -7.53
C TYR A 83 15.03 5.91 -8.99
N CYS A 84 16.09 5.25 -9.46
CA CYS A 84 16.26 4.86 -10.84
C CYS A 84 16.07 3.37 -11.01
N ALA A 85 15.34 2.99 -12.04
CA ALA A 85 15.27 1.60 -12.48
C ALA A 85 14.92 1.61 -13.97
N HIS A 86 15.73 2.33 -14.76
CA HIS A 86 15.35 2.83 -16.08
C HIS A 86 16.42 2.54 -17.11
N LEU A 87 16.02 2.15 -18.31
CA LEU A 87 16.92 2.17 -19.46
C LEU A 87 16.92 3.57 -20.07
N ALA A 88 18.12 4.12 -20.30
CA ALA A 88 18.18 5.49 -20.79
C ALA A 88 19.51 5.72 -21.50
N SER A 89 19.47 6.59 -22.50
CA SER A 89 20.66 7.11 -23.14
C SER A 89 20.96 8.54 -22.73
N ASP A 90 19.92 9.34 -22.48
CA ASP A 90 20.06 10.74 -22.12
C ASP A 90 19.24 11.05 -20.88
N ILE A 91 19.80 11.88 -20.01
CA ILE A 91 19.04 12.55 -18.96
C ILE A 91 18.61 13.90 -19.52
N ILE A 92 17.31 14.18 -19.50
CA ILE A 92 16.77 15.30 -20.24
C ILE A 92 16.10 16.27 -19.28
N PHE A 93 16.54 17.53 -19.33
CA PHE A 93 15.99 18.61 -18.53
C PHE A 93 15.18 19.51 -19.46
N THR A 94 13.91 19.70 -19.13
CA THR A 94 13.02 20.52 -19.94
C THR A 94 12.59 21.72 -19.12
N VAL A 95 12.80 22.91 -19.65
CA VAL A 95 12.40 24.16 -19.01
C VAL A 95 11.08 24.58 -19.61
N LYS A 96 10.12 24.88 -18.75
CA LYS A 96 8.76 25.19 -19.20
C LYS A 96 8.24 26.38 -18.40
N ASP A 97 7.24 27.05 -18.97
CA ASP A 97 6.54 28.15 -18.33
C ASP A 97 5.08 27.75 -18.24
N ASP A 98 4.56 27.67 -17.02
CA ASP A 98 3.19 27.22 -16.79
C ASP A 98 2.20 28.37 -16.73
N ASN A 99 2.48 29.47 -17.41
CA ASN A 99 1.67 30.67 -17.42
C ASN A 99 0.20 30.33 -17.68
N PRO A 100 -0.72 30.70 -16.79
CA PRO A 100 -2.14 30.37 -17.03
C PRO A 100 -2.69 30.92 -18.34
N ILE A 101 -2.22 32.09 -18.79
CA ILE A 101 -2.68 32.65 -20.06
C ILE A 101 -2.18 31.80 -21.22
N GLY A 102 -1.14 31.02 -21.00
CA GLY A 102 -0.67 30.09 -22.01
C GLY A 102 0.58 29.48 -21.41
N ALA A 103 0.79 28.19 -21.64
CA ALA A 103 1.96 27.52 -21.12
C ALA A 103 2.85 27.45 -22.37
N THR A 104 4.16 27.33 -22.12
CA THR A 104 5.10 27.24 -23.23
C THR A 104 6.29 26.37 -22.86
N LEU A 105 6.88 25.75 -23.87
CA LEU A 105 8.12 25.00 -23.74
C LEU A 105 9.27 25.94 -24.05
N ILE A 106 10.21 26.08 -23.10
CA ILE A 106 11.37 26.93 -23.33
C ILE A 106 12.45 26.19 -24.10
N GLY A 107 12.77 24.98 -23.69
CA GLY A 107 13.76 24.19 -24.38
C GLY A 107 14.17 22.99 -23.55
N ARG A 108 15.11 22.22 -24.09
CA ARG A 108 15.57 21.00 -23.47
C ARG A 108 17.09 20.96 -23.43
N ALA A 109 17.63 20.43 -22.33
CA ALA A 109 19.06 20.26 -22.17
C ALA A 109 19.35 18.80 -21.91
N TYR A 110 20.42 18.29 -22.50
CA TYR A 110 20.71 16.86 -22.53
C TYR A 110 22.04 16.55 -21.88
N ILE A 111 22.04 15.64 -20.92
CA ILE A 111 23.26 15.07 -20.38
C ILE A 111 23.27 13.58 -20.70
N PRO A 112 24.21 13.09 -21.52
CA PRO A 112 24.24 11.65 -21.81
C PRO A 112 24.48 10.84 -20.54
N VAL A 113 23.84 9.68 -20.47
CA VAL A 113 24.00 8.81 -19.31
C VAL A 113 25.46 8.39 -19.16
N ASP A 114 26.20 8.29 -20.29
CA ASP A 114 27.64 8.05 -20.26
C ASP A 114 28.35 8.96 -19.26
N GLN A 115 27.83 10.17 -19.04
CA GLN A 115 28.48 11.13 -18.16
C GLN A 115 28.37 10.75 -16.69
N VAL A 116 27.36 9.97 -16.30
CA VAL A 116 27.12 9.66 -14.89
C VAL A 116 27.33 8.19 -14.57
N ILE A 117 27.43 7.32 -15.56
CA ILE A 117 27.29 5.89 -15.32
C ILE A 117 28.40 5.36 -14.41
N ASN A 118 29.59 5.97 -14.45
CA ASN A 118 30.73 5.57 -13.64
C ASN A 118 30.62 6.00 -12.18
N GLY A 119 29.57 6.74 -11.83
CA GLY A 119 29.36 7.14 -10.45
C GLY A 119 30.08 8.40 -10.02
N GLU A 120 30.79 9.08 -10.92
CA GLU A 120 31.46 10.30 -10.52
C GLU A 120 30.50 11.49 -10.61
N GLU A 121 30.73 12.47 -9.73
CA GLU A 121 29.90 13.66 -9.70
C GLU A 121 30.03 14.43 -11.02
N VAL A 122 28.91 14.92 -11.51
CA VAL A 122 28.84 15.74 -12.71
C VAL A 122 28.27 17.10 -12.29
N ASP A 123 28.92 18.17 -12.72
CA ASP A 123 28.43 19.52 -12.38
C ASP A 123 28.66 20.38 -13.62
N GLN A 124 27.58 20.70 -14.33
CA GLN A 124 27.71 21.23 -15.68
C GLN A 124 26.74 22.36 -15.93
N TRP A 125 27.16 23.26 -16.80
CA TRP A 125 26.31 24.25 -17.44
C TRP A 125 26.07 23.77 -18.87
N VAL A 126 24.83 23.42 -19.18
CA VAL A 126 24.55 22.77 -20.46
C VAL A 126 23.56 23.62 -21.27
N GLU A 127 23.75 23.58 -22.59
CA GLU A 127 22.95 24.40 -23.48
C GLU A 127 21.50 23.91 -23.49
N ILE A 128 20.58 24.88 -23.50
CA ILE A 128 19.17 24.59 -23.71
C ILE A 128 18.88 24.71 -25.21
N LEU A 129 18.18 23.71 -25.74
CA LEU A 129 18.03 23.52 -27.18
C LEU A 129 16.56 23.54 -27.58
N ASP A 130 16.29 23.93 -28.83
CA ASP A 130 14.94 23.90 -29.35
C ASP A 130 14.63 22.51 -29.92
N ASN A 131 13.46 22.36 -30.55
CA ASN A 131 13.05 21.04 -31.02
C ASN A 131 13.99 20.47 -32.08
N ASP A 132 14.71 21.32 -32.79
CA ASP A 132 15.71 20.89 -33.74
C ASP A 132 17.11 20.80 -33.13
N ARG A 133 17.20 20.78 -31.81
CA ARG A 133 18.46 20.63 -31.09
C ARG A 133 19.46 21.72 -31.45
N ASN A 134 18.98 22.90 -31.79
CA ASN A 134 19.83 24.07 -31.89
C ASN A 134 19.62 24.97 -30.68
N PRO A 135 20.63 25.73 -30.28
CA PRO A 135 20.48 26.58 -29.09
C PRO A 135 19.28 27.53 -29.21
N ILE A 136 18.54 27.67 -28.10
CA ILE A 136 17.44 28.63 -28.08
C ILE A 136 18.00 30.05 -28.10
N GLN A 137 17.13 31.00 -28.41
CA GLN A 137 17.50 32.40 -28.57
C GLN A 137 18.31 32.89 -27.39
N GLY A 138 19.50 33.42 -27.67
CA GLY A 138 20.36 33.99 -26.64
C GLY A 138 21.35 33.04 -26.01
N GLY A 139 21.23 31.74 -26.24
CA GLY A 139 22.22 30.79 -25.76
C GLY A 139 22.10 30.37 -24.32
N SER A 140 20.88 30.36 -23.77
CA SER A 140 20.66 30.07 -22.36
C SER A 140 21.25 28.71 -21.98
N LYS A 141 21.76 28.63 -20.76
CA LYS A 141 22.28 27.38 -20.20
C LYS A 141 21.66 27.13 -18.83
N ILE A 142 21.49 25.86 -18.51
CA ILE A 142 20.98 25.43 -17.22
C ILE A 142 22.12 24.78 -16.44
N HIS A 143 22.16 25.04 -15.14
CA HIS A 143 23.22 24.53 -14.27
C HIS A 143 22.65 23.36 -13.47
N VAL A 144 23.21 22.18 -13.66
CA VAL A 144 22.74 21.00 -12.96
C VAL A 144 23.93 20.26 -12.35
N LYS A 145 23.66 19.57 -11.25
CA LYS A 145 24.62 18.65 -10.65
C LYS A 145 23.98 17.27 -10.56
N LEU A 146 24.75 16.24 -10.87
CA LEU A 146 24.23 14.88 -10.91
C LEU A 146 25.26 13.92 -10.35
N GLN A 147 24.80 12.90 -9.64
CA GLN A 147 25.67 11.81 -9.22
C GLN A 147 24.84 10.55 -9.09
N TYR A 148 25.25 9.51 -9.81
CA TYR A 148 24.54 8.24 -9.87
C TYR A 148 25.19 7.25 -8.92
N PHE A 149 24.36 6.63 -8.08
CA PHE A 149 24.79 5.57 -7.17
C PHE A 149 24.06 4.28 -7.54
N HIS A 150 24.78 3.33 -8.15
CA HIS A 150 24.22 2.02 -8.46
C HIS A 150 23.77 1.32 -7.18
N VAL A 151 22.74 0.48 -7.31
CA VAL A 151 22.15 -0.13 -6.12
C VAL A 151 23.17 -0.84 -5.22
N GLU A 152 24.16 -1.48 -5.81
CA GLU A 152 25.20 -2.16 -5.02
C GLU A 152 26.16 -1.26 -4.20
N GLU A 153 26.17 0.04 -4.46
CA GLU A 153 26.84 1.03 -3.64
C GLU A 153 26.18 1.20 -2.23
N ASP A 154 24.92 0.83 -2.07
CA ASP A 154 24.24 0.90 -0.78
C ASP A 154 24.68 -0.20 0.13
N ARG A 155 24.95 0.11 1.39
CA ARG A 155 25.48 -0.87 2.30
C ARG A 155 24.51 -1.96 2.73
N ASN A 156 23.22 -1.76 2.54
CA ASN A 156 22.23 -2.78 2.78
C ASN A 156 21.78 -3.59 1.53
N TRP A 157 22.29 -3.24 0.35
CA TRP A 157 21.94 -3.95 -0.87
C TRP A 157 22.17 -5.44 -0.72
N ASN A 158 21.12 -6.22 -0.82
CA ASN A 158 21.25 -7.68 -0.72
C ASN A 158 21.84 -8.10 0.63
N MET A 159 21.62 -7.29 1.68
CA MET A 159 22.15 -7.62 3.00
C MET A 159 21.08 -7.59 4.08
N GLY A 160 19.85 -7.22 3.75
CA GLY A 160 18.82 -7.06 4.74
C GLY A 160 19.06 -5.86 5.64
N ILE A 161 18.37 -5.87 6.79
CA ILE A 161 18.54 -4.81 7.78
C ILE A 161 19.95 -4.86 8.35
N LYS A 162 20.46 -6.07 8.56
CA LYS A 162 21.88 -6.37 8.81
C LYS A 162 22.59 -5.87 10.05
N SER A 163 21.97 -5.01 10.85
CA SER A 163 22.40 -4.81 12.23
C SER A 163 21.36 -4.01 13.00
N ALA A 164 21.37 -4.21 14.31
CA ALA A 164 20.52 -3.45 15.22
C ALA A 164 20.75 -1.95 15.15
N LYS A 165 21.82 -1.50 14.50
CA LYS A 165 22.09 -0.07 14.38
C LYS A 165 21.62 0.51 13.05
N PHE A 166 20.87 -0.25 12.27
CA PHE A 166 20.31 0.26 11.03
C PHE A 166 19.61 1.60 11.28
N PRO A 167 19.92 2.65 10.50
CA PRO A 167 19.44 3.99 10.85
C PRO A 167 18.05 4.36 10.32
N GLY A 168 17.41 3.50 9.54
CA GLY A 168 16.14 3.83 8.94
C GLY A 168 16.28 4.22 7.49
N VAL A 169 15.13 4.45 6.87
CA VAL A 169 15.08 4.86 5.46
C VAL A 169 15.48 6.33 5.37
N PRO A 170 16.43 6.69 4.50
CA PRO A 170 16.88 8.08 4.44
C PRO A 170 15.89 8.96 3.68
N TYR A 171 16.04 10.27 3.89
CA TYR A 171 15.27 11.28 3.15
C TYR A 171 13.77 11.06 3.30
N THR A 172 13.33 11.06 4.54
CA THR A 172 11.90 10.98 4.84
C THR A 172 11.55 12.03 5.88
N PHE A 173 10.27 12.40 5.89
CA PHE A 173 9.84 13.42 6.83
C PHE A 173 9.89 12.92 8.27
N PHE A 174 9.48 11.68 8.51
CA PHE A 174 9.54 11.06 9.82
C PHE A 174 10.77 10.16 9.92
N SER A 175 11.56 10.34 10.97
CA SER A 175 12.72 9.51 11.23
C SER A 175 12.33 8.22 11.94
N GLN A 176 13.16 7.20 11.78
CA GLN A 176 12.96 5.95 12.48
C GLN A 176 12.97 6.15 13.99
N ARG A 177 12.05 5.48 14.68
CA ARG A 177 11.92 5.56 16.14
C ARG A 177 12.42 4.28 16.79
N GLN A 178 13.07 4.41 17.94
CA GLN A 178 13.47 3.27 18.76
C GLN A 178 12.49 3.05 19.90
N GLY A 179 12.60 1.90 20.56
CA GLY A 179 11.83 1.68 21.76
C GLY A 179 10.34 1.52 21.55
N CYS A 180 9.95 1.03 20.38
CA CYS A 180 8.55 0.91 20.00
C CYS A 180 8.04 -0.52 20.21
N LYS A 181 6.73 -0.66 20.04
CA LYS A 181 6.09 -1.97 20.01
C LYS A 181 5.03 -1.95 18.92
N VAL A 182 5.02 -2.98 18.08
CA VAL A 182 4.01 -3.14 17.05
C VAL A 182 3.22 -4.41 17.34
N SER A 183 1.90 -4.32 17.28
CA SER A 183 1.02 -5.48 17.28
C SER A 183 0.49 -5.67 15.86
N LEU A 184 0.63 -6.86 15.34
CA LEU A 184 0.29 -7.16 13.99
C LEU A 184 -1.06 -7.84 13.92
N TYR A 185 -1.96 -7.35 13.10
CA TYR A 185 -3.28 -7.86 13.06
C TYR A 185 -3.66 -8.55 11.75
N GLN A 186 -4.05 -9.79 11.87
CA GLN A 186 -4.47 -10.62 10.81
C GLN A 186 -5.99 -10.70 10.84
N ASP A 187 -6.65 -10.05 9.86
CA ASP A 187 -8.06 -9.73 9.87
C ASP A 187 -8.58 -8.85 11.03
N ALA A 188 -9.88 -8.50 10.96
CA ALA A 188 -10.46 -7.74 12.05
C ALA A 188 -10.54 -8.54 13.37
N HIS A 189 -10.67 -9.84 13.28
CA HIS A 189 -10.90 -10.70 14.43
C HIS A 189 -10.27 -12.10 14.15
N ILE A 190 -9.83 -12.75 15.21
CA ILE A 190 -9.40 -14.12 15.15
C ILE A 190 -10.06 -14.93 16.28
N PRO A 191 -10.62 -16.07 15.98
CA PRO A 191 -11.28 -16.86 17.02
C PRO A 191 -10.31 -17.51 17.99
N ASP A 192 -10.82 -18.07 19.06
CA ASP A 192 -9.99 -18.70 20.07
C ASP A 192 -9.15 -19.83 19.46
N ASN A 193 -7.89 -19.94 19.87
CA ASN A 193 -7.05 -21.10 19.59
C ASN A 193 -6.89 -21.42 18.11
N PHE A 194 -6.84 -20.38 17.30
CA PHE A 194 -6.80 -20.53 15.87
C PHE A 194 -5.44 -21.04 15.42
N VAL A 195 -4.38 -20.51 15.99
CA VAL A 195 -3.06 -20.65 15.41
C VAL A 195 -2.37 -21.93 15.87
N PRO A 196 -1.63 -22.60 15.00
CA PRO A 196 -0.77 -23.70 15.45
C PRO A 196 0.41 -23.13 16.23
N ARG A 197 1.15 -24.05 16.83
CA ARG A 197 2.37 -23.69 17.56
C ARG A 197 3.43 -23.22 16.56
N ILE A 198 3.82 -21.96 16.67
CA ILE A 198 4.84 -21.35 15.83
C ILE A 198 5.91 -20.84 16.78
N PRO A 199 6.95 -21.61 17.08
CA PRO A 199 7.91 -21.22 18.11
C PRO A 199 8.80 -20.07 17.65
N LEU A 200 9.08 -19.16 18.57
CA LEU A 200 9.81 -17.95 18.28
C LEU A 200 11.10 -17.92 19.08
N ALA A 201 12.04 -17.09 18.61
CA ALA A 201 13.38 -17.02 19.20
C ALA A 201 13.38 -16.81 20.71
N GLY A 202 12.41 -16.08 21.25
CA GLY A 202 12.50 -15.84 22.70
C GLY A 202 12.11 -17.02 23.56
N GLY A 203 11.59 -18.09 22.97
CA GLY A 203 11.17 -19.25 23.74
C GLY A 203 9.68 -19.42 23.94
N LYS A 204 8.84 -18.51 23.41
CA LYS A 204 7.41 -18.72 23.43
C LYS A 204 6.89 -18.89 22.01
N ASN A 205 5.61 -19.21 21.92
CA ASN A 205 4.95 -19.39 20.64
C ASN A 205 4.27 -18.10 20.22
N TYR A 206 4.14 -17.93 18.91
CA TYR A 206 3.47 -16.75 18.39
C TYR A 206 2.02 -16.73 18.87
N GLU A 207 1.58 -15.58 19.34
CA GLU A 207 0.20 -15.40 19.83
C GLU A 207 -0.52 -14.31 19.04
N PRO A 208 -1.53 -14.65 18.24
CA PRO A 208 -2.22 -13.64 17.45
C PRO A 208 -2.99 -12.65 18.32
N GLN A 209 -2.89 -11.37 17.96
CA GLN A 209 -3.67 -10.32 18.60
C GLN A 209 -4.92 -10.03 17.76
N ARG A 210 -5.91 -9.40 18.39
CA ARG A 210 -7.23 -9.22 17.77
C ARG A 210 -7.52 -7.74 17.56
N CYS A 211 -7.65 -7.34 16.30
CA CYS A 211 -7.64 -5.92 15.93
C CYS A 211 -8.82 -5.17 16.51
N TRP A 212 -10.03 -5.62 16.23
CA TRP A 212 -11.16 -4.78 16.62
C TRP A 212 -11.48 -4.92 18.12
N GLU A 213 -11.12 -6.04 18.75
CA GLU A 213 -11.15 -6.04 20.22
C GLU A 213 -10.22 -4.96 20.76
N ASP A 214 -9.01 -4.87 20.21
CA ASP A 214 -8.03 -3.89 20.70
C ASP A 214 -8.47 -2.47 20.40
N ILE A 215 -9.04 -2.22 19.22
CA ILE A 215 -9.51 -0.87 18.93
C ILE A 215 -10.69 -0.50 19.82
N PHE A 216 -11.62 -1.43 20.03
CA PHE A 216 -12.72 -1.20 20.96
C PHE A 216 -12.19 -0.80 22.33
N ASP A 217 -11.22 -1.56 22.84
CA ASP A 217 -10.64 -1.22 24.14
C ASP A 217 -9.99 0.15 24.12
N ALA A 218 -9.23 0.44 23.06
CA ALA A 218 -8.55 1.74 22.94
C ALA A 218 -9.55 2.89 22.97
N ILE A 219 -10.59 2.82 22.13
CA ILE A 219 -11.57 3.89 22.09
C ILE A 219 -12.32 3.99 23.41
N SER A 220 -12.74 2.85 23.96
CA SER A 220 -13.54 2.85 25.20
C SER A 220 -12.77 3.45 26.37
N ASN A 221 -11.45 3.27 26.41
CA ASN A 221 -10.66 3.65 27.57
C ASN A 221 -9.95 4.98 27.42
N ALA A 222 -10.14 5.69 26.32
CA ALA A 222 -9.47 6.98 26.17
C ALA A 222 -10.06 7.99 27.15
N LYS A 223 -9.19 8.87 27.66
CA LYS A 223 -9.65 9.91 28.58
C LYS A 223 -9.46 11.31 28.06
N HIS A 224 -8.76 11.50 26.94
CA HIS A 224 -8.46 12.84 26.46
C HIS A 224 -8.72 13.05 24.98
N LEU A 225 -8.35 12.09 24.13
CA LEU A 225 -8.52 12.30 22.70
C LEU A 225 -8.77 10.97 21.99
N ILE A 226 -9.59 11.04 20.95
CA ILE A 226 -9.79 9.96 19.99
C ILE A 226 -9.78 10.66 18.63
N TYR A 227 -8.73 10.41 17.83
CA TYR A 227 -8.61 10.96 16.48
C TYR A 227 -8.75 9.82 15.48
N ILE A 228 -9.63 9.98 14.49
CA ILE A 228 -9.89 8.93 13.51
C ILE A 228 -9.88 9.54 12.11
N THR A 229 -9.20 8.88 11.17
CA THR A 229 -9.39 9.16 9.74
C THR A 229 -9.84 7.90 9.04
N GLY A 230 -10.64 8.06 8.00
CA GLY A 230 -11.05 6.88 7.26
C GLY A 230 -11.43 7.25 5.85
N TRP A 231 -11.21 6.31 4.95
CA TRP A 231 -11.77 6.41 3.61
C TRP A 231 -13.29 6.26 3.67
N SER A 232 -13.77 5.41 4.57
CA SER A 232 -15.18 5.27 4.87
C SER A 232 -15.32 4.94 6.35
N VAL A 233 -16.32 5.52 6.99
CA VAL A 233 -16.71 5.16 8.34
C VAL A 233 -18.21 4.91 8.30
N TYR A 234 -18.65 3.83 8.95
CA TYR A 234 -20.07 3.51 9.05
C TYR A 234 -20.41 3.44 10.53
N ALA A 235 -21.23 4.38 10.98
CA ALA A 235 -21.52 4.54 12.41
C ALA A 235 -22.24 3.35 13.01
N GLU A 236 -22.91 2.53 12.21
CA GLU A 236 -23.81 1.52 12.74
C GLU A 236 -23.14 0.16 12.95
N ILE A 237 -21.83 0.01 12.72
CA ILE A 237 -21.21 -1.29 12.94
C ILE A 237 -20.84 -1.42 14.40
N ALA A 238 -20.88 -2.65 14.89
CA ALA A 238 -20.30 -3.04 16.16
C ALA A 238 -18.89 -3.60 15.94
N LEU A 239 -17.97 -3.27 16.84
CA LEU A 239 -16.60 -3.76 16.73
C LEU A 239 -16.40 -5.15 17.29
N VAL A 240 -17.26 -5.58 18.21
CA VAL A 240 -17.11 -6.86 18.89
C VAL A 240 -18.38 -7.67 18.68
N ARG A 241 -18.24 -8.88 18.12
CA ARG A 241 -19.39 -9.68 17.68
C ARG A 241 -19.27 -11.17 18.00
N ASP A 242 -18.12 -11.65 18.43
CA ASP A 242 -17.89 -13.06 18.69
C ASP A 242 -18.56 -13.42 20.02
N SER A 243 -19.66 -14.19 19.95
CA SER A 243 -20.39 -14.54 21.18
C SER A 243 -19.54 -15.39 22.13
N ARG A 244 -18.52 -16.07 21.61
CA ARG A 244 -17.62 -16.83 22.46
C ARG A 244 -16.58 -15.98 23.15
N ARG A 245 -16.44 -14.72 22.73
CA ARG A 245 -15.46 -13.79 23.33
C ARG A 245 -16.15 -12.46 23.61
N PRO A 246 -17.22 -12.45 24.39
CA PRO A 246 -17.95 -11.20 24.60
C PRO A 246 -17.09 -10.23 25.38
N LYS A 247 -17.33 -8.95 25.15
CA LYS A 247 -16.69 -7.92 25.95
C LYS A 247 -17.76 -6.96 26.43
N PRO A 248 -17.67 -6.50 27.67
CA PRO A 248 -18.74 -5.64 28.21
C PRO A 248 -18.88 -4.37 27.38
N GLY A 249 -20.11 -4.12 26.95
CA GLY A 249 -20.41 -3.01 26.07
C GLY A 249 -19.95 -3.20 24.64
N GLY A 250 -19.47 -4.40 24.27
CA GLY A 250 -18.90 -4.59 22.95
C GLY A 250 -19.90 -4.55 21.82
N ASP A 251 -21.18 -4.70 22.13
CA ASP A 251 -22.24 -4.67 21.13
C ASP A 251 -22.69 -3.26 20.76
N VAL A 252 -22.23 -2.24 21.48
CA VAL A 252 -22.54 -0.86 21.13
C VAL A 252 -21.96 -0.55 19.76
N THR A 253 -22.70 0.22 18.96
CA THR A 253 -22.17 0.62 17.66
C THR A 253 -21.03 1.59 17.84
N ILE A 254 -20.13 1.64 16.86
CA ILE A 254 -19.02 2.58 16.95
C ILE A 254 -19.55 4.02 17.05
N GLY A 255 -20.68 4.31 16.38
CA GLY A 255 -21.24 5.65 16.47
C GLY A 255 -21.72 5.99 17.86
N GLU A 256 -22.45 5.07 18.51
CA GLU A 256 -22.91 5.36 19.85
C GLU A 256 -21.75 5.43 20.83
N LEU A 257 -20.71 4.63 20.60
CA LEU A 257 -19.54 4.67 21.46
C LEU A 257 -18.84 6.02 21.37
N LEU A 258 -18.59 6.49 20.13
CA LEU A 258 -17.93 7.78 19.96
C LEU A 258 -18.77 8.92 20.51
N LYS A 259 -20.09 8.90 20.29
CA LYS A 259 -20.93 9.96 20.85
C LYS A 259 -20.89 9.94 22.38
N LYS A 260 -20.88 8.75 22.98
CA LYS A 260 -20.81 8.67 24.43
C LYS A 260 -19.49 9.26 24.94
N LYS A 261 -18.37 8.84 24.35
CA LYS A 261 -17.08 9.35 24.79
C LYS A 261 -17.00 10.87 24.65
N ALA A 262 -17.47 11.40 23.52
CA ALA A 262 -17.43 12.84 23.33
C ALA A 262 -18.34 13.56 24.32
N SER A 263 -19.51 12.97 24.62
CA SER A 263 -20.41 13.60 25.59
C SER A 263 -19.80 13.66 26.98
N GLU A 264 -18.84 12.78 27.27
CA GLU A 264 -18.15 12.76 28.55
C GLU A 264 -16.97 13.70 28.58
N GLY A 265 -16.63 14.34 27.46
CA GLY A 265 -15.57 15.32 27.40
C GLY A 265 -14.34 14.91 26.63
N VAL A 266 -14.26 13.68 26.13
CA VAL A 266 -13.12 13.30 25.32
C VAL A 266 -13.16 14.05 24.00
N ARG A 267 -12.00 14.52 23.55
CA ARG A 267 -11.90 15.25 22.29
C ARG A 267 -11.97 14.22 21.17
N VAL A 268 -13.12 14.12 20.50
CA VAL A 268 -13.33 13.12 19.46
C VAL A 268 -13.39 13.86 18.12
N LEU A 269 -12.35 13.67 17.31
CA LEU A 269 -12.20 14.37 16.04
C LEU A 269 -12.07 13.35 14.93
N LEU A 270 -12.88 13.49 13.89
CA LEU A 270 -12.84 12.60 12.74
C LEU A 270 -12.58 13.41 11.48
N LEU A 271 -11.71 12.89 10.62
CA LEU A 271 -11.56 13.37 9.25
C LEU A 271 -11.92 12.22 8.33
N VAL A 272 -13.11 12.28 7.71
CA VAL A 272 -13.58 11.22 6.84
C VAL A 272 -13.57 11.75 5.42
N TRP A 273 -13.07 10.94 4.47
CA TRP A 273 -13.02 11.41 3.09
C TRP A 273 -14.40 11.88 2.65
N ASP A 274 -14.46 13.05 2.03
CA ASP A 274 -15.74 13.59 1.58
C ASP A 274 -16.19 12.79 0.36
N ASP A 275 -16.91 11.73 0.60
CA ASP A 275 -17.36 10.90 -0.48
C ASP A 275 -18.46 11.47 -1.33
N ARG A 276 -18.84 12.71 -1.01
CA ARG A 276 -19.64 13.51 -1.91
C ARG A 276 -18.89 13.91 -3.20
N THR A 277 -17.57 13.94 -3.15
CA THR A 277 -16.76 14.31 -4.28
C THR A 277 -16.39 13.15 -5.17
N SER A 278 -16.98 12.00 -4.96
CA SER A 278 -16.57 10.79 -5.72
C SER A 278 -16.68 10.98 -7.21
N VAL A 279 -15.94 10.18 -7.97
CA VAL A 279 -16.02 10.21 -9.41
C VAL A 279 -17.10 9.28 -9.82
N ASP A 280 -18.07 9.79 -10.55
CA ASP A 280 -19.32 9.07 -10.78
C ASP A 280 -19.07 7.76 -11.42
N VAL A 281 -18.25 7.75 -12.44
CA VAL A 281 -17.99 6.54 -13.18
C VAL A 281 -17.37 5.44 -12.31
N LEU A 282 -16.49 5.80 -11.38
CA LEU A 282 -15.89 4.80 -10.51
C LEU A 282 -16.94 4.30 -9.52
N LYS A 283 -17.68 5.21 -8.92
CA LYS A 283 -18.82 4.84 -8.08
C LYS A 283 -19.82 3.89 -8.74
N LYS A 284 -20.25 4.24 -9.94
CA LYS A 284 -21.15 3.36 -10.69
C LYS A 284 -20.63 1.95 -11.02
N ASP A 285 -19.32 1.85 -11.18
CA ASP A 285 -18.68 0.60 -11.43
C ASP A 285 -18.46 -0.23 -10.17
N GLY A 286 -18.58 0.43 -9.02
CA GLY A 286 -18.55 -0.28 -7.77
C GLY A 286 -17.28 -0.11 -6.95
N LEU A 287 -16.44 0.83 -7.37
CA LEU A 287 -15.13 1.04 -6.78
C LEU A 287 -15.05 2.01 -5.59
N MET A 288 -16.16 2.63 -5.24
CA MET A 288 -16.18 3.63 -4.20
C MET A 288 -17.36 3.40 -3.22
N ALA A 289 -17.45 2.22 -2.63
CA ALA A 289 -18.59 1.91 -1.78
C ALA A 289 -18.40 2.38 -0.34
N THR A 290 -18.67 3.65 -0.09
CA THR A 290 -18.31 4.36 1.12
C THR A 290 -19.56 4.93 1.82
N HIS A 291 -19.44 5.35 3.08
CA HIS A 291 -20.56 5.89 3.82
C HIS A 291 -20.13 7.10 4.65
N ASP A 292 -19.20 7.89 4.14
CA ASP A 292 -18.72 9.06 4.88
C ASP A 292 -19.78 10.14 5.13
N GLU A 293 -20.51 10.50 4.08
CA GLU A 293 -21.54 11.53 4.25
C GLU A 293 -22.57 11.14 5.28
N GLU A 294 -22.99 9.87 5.25
CA GLU A 294 -24.00 9.38 6.17
C GLU A 294 -23.49 9.52 7.62
N THR A 295 -22.24 9.17 7.82
CA THR A 295 -21.58 9.33 9.09
C THR A 295 -21.57 10.80 9.58
N GLU A 296 -21.30 11.73 8.70
CA GLU A 296 -21.29 13.13 9.16
C GLU A 296 -22.66 13.55 9.67
N ASN A 297 -23.72 13.11 9.00
CA ASN A 297 -25.07 13.41 9.47
C ASN A 297 -25.35 12.72 10.80
N PHE A 298 -24.81 11.53 10.99
CA PHE A 298 -25.01 10.82 12.24
C PHE A 298 -24.44 11.60 13.41
N PHE A 299 -23.30 12.26 13.21
CA PHE A 299 -22.60 12.89 14.33
C PHE A 299 -22.91 14.37 14.52
N ARG A 300 -23.43 15.07 13.50
CA ARG A 300 -23.65 16.50 13.66
C ARG A 300 -24.72 16.74 14.72
N GLY A 301 -24.50 17.73 15.57
CA GLY A 301 -25.32 17.90 16.75
C GLY A 301 -24.81 17.16 17.98
N SER A 302 -23.94 16.17 17.81
CA SER A 302 -23.31 15.53 18.95
C SER A 302 -22.05 16.29 19.32
N ASP A 303 -21.32 15.79 20.31
CA ASP A 303 -20.03 16.37 20.65
C ASP A 303 -18.90 15.81 19.81
N VAL A 304 -19.18 14.87 18.91
CA VAL A 304 -18.17 14.38 17.97
C VAL A 304 -18.00 15.40 16.86
N HIS A 305 -16.74 15.71 16.54
CA HIS A 305 -16.43 16.67 15.48
C HIS A 305 -16.00 15.89 14.24
N CYS A 306 -16.96 15.63 13.36
CA CYS A 306 -16.73 14.83 12.17
C CYS A 306 -16.67 15.76 10.96
N ILE A 307 -15.50 15.86 10.32
CA ILE A 307 -15.30 16.74 9.19
C ILE A 307 -15.21 15.91 7.93
N LEU A 308 -16.02 16.24 6.93
CA LEU A 308 -15.87 15.69 5.61
C LEU A 308 -14.73 16.34 4.84
N CYS A 309 -13.79 15.55 4.42
CA CYS A 309 -12.54 16.06 3.95
C CYS A 309 -12.35 15.73 2.46
N PRO A 310 -12.51 16.71 1.58
CA PRO A 310 -12.13 16.52 0.19
C PRO A 310 -10.62 16.39 0.01
N ARG A 311 -10.23 15.76 -1.07
CA ARG A 311 -8.84 15.49 -1.29
C ARG A 311 -8.07 16.79 -1.40
N ASN A 312 -8.56 17.65 -2.28
CA ASN A 312 -7.89 18.82 -2.86
C ASN A 312 -6.60 18.52 -3.65
N THR A 327 -11.49 16.67 -5.65
CA THR A 327 -11.32 15.32 -6.14
C THR A 327 -11.12 15.29 -7.57
N MET A 328 -10.13 14.53 -7.96
CA MET A 328 -10.30 13.26 -8.57
C MET A 328 -9.95 12.12 -7.58
N PHE A 329 -9.22 12.44 -6.55
CA PHE A 329 -8.64 11.45 -5.68
C PHE A 329 -9.27 11.45 -4.30
N THR A 330 -8.83 10.53 -3.45
CA THR A 330 -9.44 10.32 -2.16
C THR A 330 -8.43 10.43 -1.02
N HIS A 331 -8.96 10.62 0.16
CA HIS A 331 -8.22 10.47 1.40
C HIS A 331 -8.40 9.03 1.86
N HIS A 332 -7.32 8.28 1.75
CA HIS A 332 -7.37 6.83 1.93
C HIS A 332 -6.74 6.35 3.24
N GLN A 333 -6.19 7.25 4.06
CA GLN A 333 -5.58 6.87 5.33
C GLN A 333 -6.61 6.31 6.29
N LYS A 334 -6.25 5.24 7.00
CA LYS A 334 -7.12 4.60 8.00
C LYS A 334 -6.40 4.67 9.34
N ILE A 335 -6.85 5.56 10.22
CA ILE A 335 -6.08 5.92 11.40
C ILE A 335 -6.99 5.95 12.63
N VAL A 336 -6.50 5.39 13.75
CA VAL A 336 -7.09 5.62 15.07
C VAL A 336 -5.97 6.00 16.01
N VAL A 337 -6.13 7.13 16.70
CA VAL A 337 -5.17 7.62 17.68
C VAL A 337 -5.91 7.86 18.99
N VAL A 338 -5.37 7.34 20.09
CA VAL A 338 -5.96 7.54 21.42
C VAL A 338 -4.85 7.81 22.44
N ASP A 339 -5.26 8.38 23.56
CA ASP A 339 -4.46 8.30 24.76
C ASP A 339 -4.79 7.00 25.46
N SER A 340 -3.78 6.39 26.07
CA SER A 340 -3.95 5.09 26.71
C SER A 340 -3.12 5.09 27.99
N GLU A 341 -3.53 4.27 28.95
CA GLU A 341 -2.81 4.22 30.21
C GLU A 341 -1.36 3.81 29.95
N MET A 342 -0.45 4.44 30.69
CA MET A 342 0.96 4.12 30.54
C MET A 342 1.23 2.76 31.18
N PRO A 343 1.97 1.88 30.50
CA PRO A 343 2.30 0.58 31.09
C PRO A 343 3.01 0.77 32.42
N SER A 344 2.45 0.15 33.43
CA SER A 344 2.92 0.32 34.80
C SER A 344 2.16 -0.67 35.65
N ARG A 345 2.88 -1.64 36.23
CA ARG A 345 2.19 -2.69 36.96
C ARG A 345 1.43 -2.12 38.15
N GLY A 346 2.05 -1.23 38.91
CA GLY A 346 1.37 -0.57 40.01
C GLY A 346 0.45 0.57 39.61
N GLY A 347 0.71 1.20 38.47
CA GLY A 347 -0.09 2.34 38.07
C GLY A 347 0.64 3.66 38.23
N SER A 348 0.60 4.49 37.18
CA SER A 348 1.28 5.77 37.17
C SER A 348 0.35 6.97 37.03
N GLU A 349 -0.97 6.77 36.86
CA GLU A 349 -1.92 7.83 36.59
C GLU A 349 -1.66 8.52 35.25
N MET A 350 -0.52 8.24 34.64
CA MET A 350 -0.08 8.91 33.44
C MET A 350 -0.63 8.22 32.20
N ARG A 351 -0.61 8.96 31.09
CA ARG A 351 -1.09 8.46 29.81
C ARG A 351 0.00 8.58 28.76
N ARG A 352 -0.15 7.79 27.69
CA ARG A 352 0.71 7.81 26.52
C ARG A 352 -0.21 7.81 25.30
N ILE A 353 0.39 7.90 24.11
CA ILE A 353 -0.38 7.86 22.86
C ILE A 353 -0.22 6.48 22.24
N VAL A 354 -1.31 5.96 21.66
CA VAL A 354 -1.33 4.69 20.94
C VAL A 354 -2.05 4.91 19.62
N SER A 355 -1.53 4.33 18.54
CA SER A 355 -2.08 4.62 17.21
C SER A 355 -2.21 3.34 16.40
N PHE A 356 -3.20 3.31 15.52
CA PHE A 356 -3.44 2.18 14.63
C PHE A 356 -3.35 2.65 13.19
N VAL A 357 -2.71 1.83 12.35
CA VAL A 357 -2.57 2.10 10.92
C VAL A 357 -2.71 0.77 10.19
N GLY A 358 -3.17 0.81 8.94
CA GLY A 358 -3.30 -0.42 8.18
C GLY A 358 -4.41 -0.30 7.15
N GLY A 359 -4.96 -1.45 6.77
CA GLY A 359 -5.92 -1.46 5.69
C GLY A 359 -7.38 -1.39 6.10
N ILE A 360 -7.69 -1.52 7.38
CA ILE A 360 -9.05 -1.82 7.82
C ILE A 360 -9.74 -0.52 8.24
N ASP A 361 -10.67 -0.05 7.43
CA ASP A 361 -11.54 1.06 7.83
C ASP A 361 -12.58 0.57 8.82
N LEU A 362 -13.09 1.51 9.62
CA LEU A 362 -14.16 1.20 10.57
C LEU A 362 -15.50 1.36 9.86
N CYS A 363 -15.81 0.41 8.99
CA CYS A 363 -17.04 0.54 8.23
C CYS A 363 -17.61 -0.84 7.88
N ASP A 364 -18.67 -0.84 7.09
CA ASP A 364 -19.35 -2.06 6.72
C ASP A 364 -18.45 -2.95 5.87
N GLY A 365 -18.60 -4.27 6.07
CA GLY A 365 -17.92 -5.25 5.26
C GLY A 365 -16.55 -5.65 5.75
N ARG A 366 -16.00 -4.95 6.74
CA ARG A 366 -14.62 -5.20 7.15
C ARG A 366 -14.50 -6.26 8.23
N TYR A 367 -15.52 -6.46 9.06
CA TYR A 367 -15.42 -7.46 10.11
C TYR A 367 -15.34 -8.84 9.49
N ASP A 368 -14.31 -9.61 9.85
CA ASP A 368 -14.18 -10.99 9.39
C ASP A 368 -13.14 -11.68 10.24
N THR A 369 -13.03 -12.99 10.05
CA THR A 369 -12.03 -13.83 10.68
C THR A 369 -11.34 -14.63 9.59
N PRO A 370 -10.22 -15.29 9.90
CA PRO A 370 -9.58 -16.14 8.89
C PRO A 370 -10.47 -17.22 8.32
N PHE A 371 -11.61 -17.54 8.94
CA PHE A 371 -12.52 -18.50 8.34
C PHE A 371 -13.19 -17.95 7.08
N HIS A 372 -13.43 -16.65 7.01
CA HIS A 372 -13.88 -15.99 5.78
C HIS A 372 -15.07 -16.71 5.14
N SER A 373 -16.11 -16.91 5.93
CA SER A 373 -17.24 -17.72 5.44
C SER A 373 -18.05 -17.00 4.37
N LEU A 374 -18.53 -17.78 3.39
CA LEU A 374 -19.38 -17.25 2.32
C LEU A 374 -20.86 -17.23 2.71
N PHE A 375 -21.31 -18.25 3.44
CA PHE A 375 -22.72 -18.44 3.72
C PHE A 375 -23.04 -18.65 5.19
N ARG A 376 -22.08 -19.01 6.02
CA ARG A 376 -22.39 -19.54 7.34
C ARG A 376 -22.38 -18.51 8.44
N THR A 377 -22.12 -17.25 8.11
CA THR A 377 -22.24 -16.17 9.07
C THR A 377 -23.37 -15.23 8.71
N LEU A 378 -24.15 -15.56 7.68
CA LEU A 378 -25.21 -14.66 7.24
C LEU A 378 -26.33 -14.55 8.26
N ASP A 379 -26.45 -15.50 9.18
CA ASP A 379 -27.39 -15.33 10.28
C ASP A 379 -26.69 -15.11 11.61
N THR A 380 -25.40 -14.78 11.60
CA THR A 380 -24.73 -14.36 12.82
C THR A 380 -24.01 -13.01 12.93
N VAL A 381 -22.86 -12.86 12.28
CA VAL A 381 -21.99 -11.72 12.57
C VAL A 381 -22.12 -10.89 11.31
N HIS A 382 -22.67 -11.44 10.23
CA HIS A 382 -22.88 -10.65 9.02
C HIS A 382 -24.35 -10.46 8.69
N HIS A 383 -25.25 -10.84 9.59
CA HIS A 383 -26.67 -10.67 9.33
C HIS A 383 -27.00 -9.20 9.06
N ASP A 384 -26.45 -8.30 9.87
CA ASP A 384 -26.63 -6.87 9.69
C ASP A 384 -25.39 -6.21 9.08
N ASP A 385 -24.53 -6.97 8.43
CA ASP A 385 -23.30 -6.44 7.87
C ASP A 385 -22.96 -7.29 6.64
N PHE A 386 -23.88 -7.30 5.68
CA PHE A 386 -23.75 -8.08 4.46
C PHE A 386 -23.15 -7.20 3.38
N HIS A 387 -21.94 -7.54 2.93
CA HIS A 387 -21.19 -6.72 1.98
C HIS A 387 -20.87 -7.56 0.76
N GLN A 388 -21.40 -7.13 -0.41
CA GLN A 388 -21.20 -7.86 -1.65
C GLN A 388 -21.39 -6.90 -2.83
N PRO A 389 -20.39 -6.09 -3.14
CA PRO A 389 -20.52 -5.08 -4.20
C PRO A 389 -20.24 -5.59 -5.60
N ASN A 390 -20.03 -6.90 -5.77
CA ASN A 390 -19.66 -7.47 -7.05
C ASN A 390 -20.84 -7.99 -7.86
N PHE A 391 -22.05 -7.98 -7.32
CA PHE A 391 -23.26 -8.36 -8.02
C PHE A 391 -24.22 -7.18 -7.99
N THR A 392 -24.89 -6.92 -9.11
CA THR A 392 -25.96 -5.93 -9.10
C THR A 392 -27.08 -6.42 -8.18
N GLY A 393 -27.46 -5.58 -7.22
CA GLY A 393 -28.61 -5.90 -6.40
C GLY A 393 -28.39 -6.95 -5.34
N ALA A 394 -27.15 -7.17 -4.92
CA ALA A 394 -26.90 -8.13 -3.85
C ALA A 394 -27.55 -7.64 -2.56
N ALA A 395 -28.15 -8.57 -1.82
CA ALA A 395 -28.81 -8.25 -0.57
C ALA A 395 -28.91 -9.50 0.28
N ILE A 396 -28.87 -9.30 1.60
CA ILE A 396 -28.99 -10.43 2.53
C ILE A 396 -30.21 -11.26 2.22
N THR A 397 -31.31 -10.62 1.82
CA THR A 397 -32.57 -11.33 1.57
C THR A 397 -32.53 -12.19 0.32
N LYS A 398 -31.55 -11.98 -0.57
CA LYS A 398 -31.40 -12.81 -1.74
C LYS A 398 -30.29 -13.84 -1.59
N GLY A 399 -29.52 -13.77 -0.49
CA GLY A 399 -28.58 -14.81 -0.13
C GLY A 399 -27.17 -14.45 -0.52
N GLY A 400 -26.27 -15.35 -0.15
CA GLY A 400 -24.86 -15.16 -0.42
C GLY A 400 -24.45 -15.59 -1.82
N PRO A 401 -23.14 -15.67 -2.05
CA PRO A 401 -22.06 -15.44 -1.09
C PRO A 401 -21.90 -13.97 -0.71
N ARG A 402 -21.61 -13.69 0.54
CA ARG A 402 -21.03 -12.38 0.85
C ARG A 402 -19.59 -12.35 0.34
N GLU A 403 -18.99 -11.16 0.34
CA GLU A 403 -17.60 -11.00 -0.02
C GLU A 403 -16.74 -11.03 1.23
N PRO A 404 -16.03 -12.11 1.54
CA PRO A 404 -15.17 -12.13 2.72
C PRO A 404 -14.05 -11.10 2.58
N TRP A 405 -13.54 -10.65 3.72
CA TRP A 405 -12.65 -9.49 3.80
C TRP A 405 -11.34 -9.88 4.47
N HIS A 406 -10.30 -10.18 3.68
CA HIS A 406 -8.98 -10.44 4.24
C HIS A 406 -8.19 -9.14 4.27
N ASP A 407 -7.62 -8.81 5.43
CA ASP A 407 -6.96 -7.51 5.53
C ASP A 407 -5.97 -7.59 6.68
N ILE A 408 -5.09 -6.60 6.75
CA ILE A 408 -4.02 -6.55 7.75
C ILE A 408 -3.98 -5.16 8.36
N HIS A 409 -3.73 -5.10 9.66
CA HIS A 409 -3.71 -3.84 10.38
C HIS A 409 -2.59 -3.89 11.42
N SER A 410 -2.40 -2.79 12.13
CA SER A 410 -1.35 -2.76 13.16
C SER A 410 -1.70 -1.77 14.25
N ARG A 411 -1.12 -2.00 15.42
CA ARG A 411 -1.14 -1.07 16.54
C ARG A 411 0.28 -0.66 16.87
N LEU A 412 0.50 0.63 17.06
CA LEU A 412 1.83 1.23 17.21
C LEU A 412 1.94 1.89 18.57
N GLU A 413 3.00 1.54 19.29
CA GLU A 413 3.26 2.05 20.62
C GLU A 413 4.69 2.58 20.68
N GLY A 414 4.93 3.55 21.56
CA GLY A 414 6.22 4.20 21.63
C GLY A 414 6.20 5.48 20.80
N PRO A 415 7.36 6.09 20.55
CA PRO A 415 7.36 7.41 19.90
C PRO A 415 6.64 7.43 18.56
N ILE A 416 6.63 6.31 17.83
CA ILE A 416 5.97 6.23 16.53
C ILE A 416 4.50 6.61 16.63
N ALA A 417 3.86 6.33 17.76
CA ALA A 417 2.43 6.62 17.89
C ALA A 417 2.18 8.11 17.78
N TRP A 418 3.13 8.93 18.26
CA TRP A 418 2.99 10.37 18.16
C TRP A 418 3.19 10.86 16.71
N ASP A 419 3.94 10.11 15.90
CA ASP A 419 4.10 10.49 14.51
C ASP A 419 2.77 10.35 13.76
N VAL A 420 2.03 9.28 14.04
CA VAL A 420 0.69 9.15 13.46
C VAL A 420 -0.19 10.29 13.91
N MET A 421 -0.13 10.63 15.20
CA MET A 421 -0.89 11.77 15.70
C MET A 421 -0.48 13.05 15.01
N TYR A 422 0.83 13.23 14.77
CA TYR A 422 1.27 14.44 14.08
C TYR A 422 0.69 14.52 12.67
N ASN A 423 0.60 13.38 11.97
CA ASN A 423 -0.10 13.38 10.68
C ASN A 423 -1.52 13.90 10.82
N PHE A 424 -2.25 13.40 11.82
CA PHE A 424 -3.60 13.91 12.04
C PHE A 424 -3.61 15.40 12.29
N GLU A 425 -2.67 15.88 13.12
CA GLU A 425 -2.61 17.31 13.42
C GLU A 425 -2.33 18.15 12.17
N GLN A 426 -1.41 17.68 11.31
CA GLN A 426 -1.12 18.38 10.07
C GLN A 426 -2.35 18.45 9.18
N ARG A 427 -3.13 17.36 9.10
CA ARG A 427 -4.29 17.36 8.23
C ARG A 427 -5.43 18.21 8.82
N TRP A 428 -5.67 18.07 10.12
CA TRP A 428 -6.68 18.89 10.79
C TRP A 428 -6.38 20.37 10.65
N SER A 429 -5.11 20.75 10.82
CA SER A 429 -4.73 22.14 10.68
C SER A 429 -5.04 22.67 9.27
N LYS A 430 -5.00 21.80 8.27
CA LYS A 430 -5.17 22.23 6.88
C LYS A 430 -6.62 22.09 6.42
N GLN A 431 -7.29 21.01 6.80
CA GLN A 431 -8.62 20.73 6.28
C GLN A 431 -9.65 20.45 7.37
N GLY A 432 -9.30 20.62 8.64
CA GLY A 432 -10.18 20.28 9.73
C GLY A 432 -11.13 21.41 10.10
N GLY A 433 -11.68 21.29 11.31
CA GLY A 433 -12.62 22.28 11.82
C GLY A 433 -11.93 23.30 12.69
N LYS A 434 -12.51 23.58 13.85
CA LYS A 434 -11.99 24.65 14.69
C LYS A 434 -10.68 24.24 15.37
N ASP A 435 -10.12 25.17 16.14
CA ASP A 435 -8.81 24.99 16.77
C ASP A 435 -8.98 24.21 18.08
N ILE A 436 -9.22 22.91 17.93
CA ILE A 436 -9.59 22.09 19.08
C ILE A 436 -8.76 20.80 19.16
N LEU A 437 -7.63 20.76 18.46
CA LEU A 437 -6.66 19.71 18.74
C LEU A 437 -6.21 19.81 20.20
N VAL A 438 -6.04 18.65 20.85
CA VAL A 438 -5.48 18.66 22.18
C VAL A 438 -4.06 19.21 22.15
N LYS A 439 -3.74 20.11 23.09
CA LYS A 439 -2.42 20.75 23.15
C LYS A 439 -1.55 19.95 24.12
N LEU A 440 -0.65 19.11 23.57
CA LEU A 440 0.10 18.18 24.41
C LEU A 440 1.04 18.86 25.40
N ARG A 441 1.49 20.10 25.15
CA ARG A 441 2.34 20.77 26.13
C ARG A 441 1.56 21.27 27.33
N ASP A 442 0.29 21.61 27.17
CA ASP A 442 -0.50 21.91 28.36
C ASP A 442 -0.76 20.67 29.21
N LEU A 443 -0.45 19.48 28.68
CA LEU A 443 -0.73 18.23 29.36
C LEU A 443 0.55 17.47 29.70
N SER A 444 1.67 18.17 29.84
CA SER A 444 2.94 17.51 30.14
C SER A 444 2.87 16.64 31.40
N ASP A 445 2.05 17.03 32.39
CA ASP A 445 1.92 16.25 33.62
C ASP A 445 0.82 15.20 33.54
N ILE A 446 0.21 15.02 32.37
CA ILE A 446 -0.89 14.08 32.17
C ILE A 446 -0.56 13.07 31.07
N ILE A 447 -0.13 13.55 29.91
CA ILE A 447 0.29 12.70 28.81
C ILE A 447 1.80 12.86 28.66
N ILE A 448 2.52 11.74 28.69
CA ILE A 448 3.97 11.84 28.70
C ILE A 448 4.48 12.36 27.35
N THR A 449 5.67 12.96 27.40
CA THR A 449 6.40 13.26 26.19
C THR A 449 6.65 11.95 25.43
N PRO A 450 6.84 12.01 24.10
CA PRO A 450 7.01 10.77 23.32
C PRO A 450 8.13 9.92 23.91
N SER A 451 7.81 8.67 24.20
CA SER A 451 8.65 7.86 25.08
C SER A 451 8.61 6.41 24.64
N PRO A 452 9.71 5.68 24.82
CA PRO A 452 9.72 4.26 24.50
C PRO A 452 8.86 3.47 25.48
N VAL A 453 8.40 2.30 25.02
CA VAL A 453 7.69 1.36 25.88
C VAL A 453 8.53 0.17 26.27
N MET A 454 9.74 0.03 25.72
CA MET A 454 10.67 -1.01 26.08
C MET A 454 12.08 -0.45 26.03
N PHE A 455 12.97 -1.06 26.80
CA PHE A 455 14.39 -0.79 26.65
C PHE A 455 14.89 -1.32 25.30
N GLN A 456 15.94 -0.68 24.77
CA GLN A 456 16.49 -1.10 23.49
C GLN A 456 17.17 -2.47 23.57
N GLU A 457 17.56 -2.91 24.77
CA GLU A 457 18.14 -4.22 24.97
C GLU A 457 17.10 -5.33 25.08
N ASP A 458 15.82 -4.99 25.13
CA ASP A 458 14.75 -5.97 25.23
C ASP A 458 14.49 -6.56 23.85
N HIS A 459 14.59 -7.89 23.74
CA HIS A 459 14.47 -8.48 22.41
C HIS A 459 13.07 -8.37 21.83
N ASP A 460 12.06 -7.97 22.62
CA ASP A 460 10.75 -7.68 22.04
C ASP A 460 10.69 -6.31 21.37
N VAL A 461 11.73 -5.49 21.50
CA VAL A 461 11.60 -4.09 21.07
C VAL A 461 11.53 -4.01 19.54
N TRP A 462 10.88 -2.95 19.05
CA TRP A 462 10.77 -2.65 17.64
C TRP A 462 11.40 -1.29 17.32
N ASN A 463 12.00 -1.18 16.14
CA ASN A 463 12.34 0.10 15.53
C ASN A 463 11.37 0.31 14.38
N VAL A 464 10.65 1.43 14.41
CA VAL A 464 9.54 1.66 13.50
C VAL A 464 9.65 3.05 12.90
N GLN A 465 9.24 3.18 11.64
CA GLN A 465 9.31 4.44 10.91
C GLN A 465 7.99 4.66 10.20
N LEU A 466 7.50 5.90 10.21
CA LEU A 466 6.24 6.23 9.55
C LEU A 466 6.49 6.83 8.16
N PHE A 467 5.68 6.42 7.20
CA PHE A 467 5.76 6.83 5.80
C PHE A 467 4.38 7.27 5.33
N ARG A 468 4.35 8.14 4.33
CA ARG A 468 3.08 8.66 3.85
C ARG A 468 3.14 8.88 2.34
N SER A 469 1.95 9.01 1.75
CA SER A 469 1.76 9.65 0.46
C SER A 469 0.81 10.80 0.76
N ILE A 470 1.29 12.04 0.72
CA ILE A 470 0.43 13.18 1.00
C ILE A 470 1.12 14.42 0.48
N ASP A 471 0.36 15.48 0.25
CA ASP A 471 0.98 16.70 -0.24
C ASP A 471 0.54 17.89 0.61
N GLY A 472 1.19 19.03 0.35
CA GLY A 472 0.95 20.24 1.10
C GLY A 472 -0.44 20.81 0.96
N GLY A 473 -1.22 20.36 -0.02
CA GLY A 473 -2.61 20.74 -0.07
C GLY A 473 -3.44 20.13 1.04
N ALA A 474 -3.02 18.99 1.58
CA ALA A 474 -3.76 18.26 2.59
C ALA A 474 -3.13 18.32 3.98
N ALA A 475 -1.87 18.71 4.09
CA ALA A 475 -1.16 18.64 5.36
C ALA A 475 -0.36 19.92 5.54
N ALA A 476 -0.63 20.63 6.63
CA ALA A 476 0.08 21.87 6.93
C ALA A 476 1.39 21.55 7.65
N GLY A 477 2.36 22.45 7.53
CA GLY A 477 3.58 22.33 8.31
C GLY A 477 4.77 21.70 7.61
N PHE A 478 4.72 21.51 6.31
CA PHE A 478 5.91 21.03 5.62
C PHE A 478 6.91 22.18 5.43
N PRO A 479 8.21 21.89 5.39
CA PRO A 479 9.19 22.96 5.22
C PRO A 479 9.08 23.61 3.84
N GLU A 480 9.27 24.94 3.81
CA GLU A 480 9.18 25.70 2.57
C GLU A 480 10.48 25.78 1.79
N SER A 481 11.62 25.79 2.47
CA SER A 481 12.87 26.00 1.76
C SER A 481 13.31 24.71 1.06
N PRO A 482 13.88 24.82 -0.15
CA PRO A 482 14.28 23.59 -0.86
C PRO A 482 15.29 22.74 -0.12
N GLU A 483 16.21 23.35 0.63
CA GLU A 483 17.21 22.56 1.36
C GLU A 483 16.54 21.68 2.41
N ALA A 484 15.63 22.26 3.20
CA ALA A 484 14.92 21.49 4.21
C ALA A 484 14.02 20.44 3.56
N ALA A 485 13.33 20.80 2.48
CA ALA A 485 12.48 19.83 1.80
C ALA A 485 13.29 18.62 1.33
N ALA A 486 14.44 18.87 0.68
CA ALA A 486 15.23 17.77 0.15
C ALA A 486 15.75 16.87 1.26
N GLU A 487 16.09 17.44 2.42
CA GLU A 487 16.57 16.62 3.52
C GLU A 487 15.51 15.63 3.97
N ALA A 488 14.24 15.96 3.77
CA ALA A 488 13.10 15.10 4.09
C ALA A 488 12.58 14.33 2.89
N GLY A 489 13.30 14.33 1.76
CA GLY A 489 12.86 13.61 0.58
C GLY A 489 11.60 14.17 -0.07
N LEU A 490 11.20 15.38 0.31
CA LEU A 490 10.01 15.99 -0.26
C LEU A 490 10.33 16.51 -1.66
N VAL A 491 9.38 16.34 -2.57
CA VAL A 491 9.58 16.67 -3.98
C VAL A 491 8.49 17.64 -4.41
N SER A 492 8.82 18.48 -5.38
CA SER A 492 7.88 19.46 -5.87
C SER A 492 6.87 18.79 -6.79
N GLY A 493 5.59 19.11 -6.60
CA GLY A 493 4.56 18.78 -7.55
C GLY A 493 4.18 19.99 -8.37
N LYS A 494 3.09 19.83 -9.15
CA LYS A 494 2.63 20.92 -9.98
C LYS A 494 2.33 22.16 -9.14
N ASP A 495 1.67 21.98 -7.99
CA ASP A 495 1.41 23.15 -7.17
C ASP A 495 1.67 22.97 -5.68
N ASN A 496 2.02 21.77 -5.22
CA ASN A 496 2.25 21.55 -3.80
C ASN A 496 3.49 20.70 -3.61
N ILE A 497 4.05 20.80 -2.41
CA ILE A 497 5.13 19.93 -2.00
C ILE A 497 4.56 18.54 -1.72
N ILE A 498 5.34 17.50 -2.01
CA ILE A 498 4.86 16.12 -2.00
C ILE A 498 5.71 15.24 -1.09
N ASP A 499 5.06 14.51 -0.19
CA ASP A 499 5.64 13.44 0.60
C ASP A 499 5.34 12.12 -0.12
N ARG A 500 6.38 11.44 -0.58
CA ARG A 500 6.26 10.14 -1.23
C ARG A 500 7.10 9.11 -0.49
N SER A 501 7.12 9.20 0.83
CA SER A 501 7.99 8.32 1.61
C SER A 501 7.49 6.88 1.64
N ILE A 502 6.20 6.62 1.36
CA ILE A 502 5.76 5.23 1.25
C ILE A 502 6.45 4.54 0.09
N GLN A 503 6.43 5.15 -1.10
CA GLN A 503 7.10 4.53 -2.24
C GLN A 503 8.58 4.34 -1.96
N ASP A 504 9.20 5.35 -1.35
CA ASP A 504 10.61 5.25 -0.99
C ASP A 504 10.87 4.09 -0.04
N ALA A 505 10.02 3.91 0.98
CA ALA A 505 10.19 2.80 1.91
C ALA A 505 10.07 1.45 1.21
N TYR A 506 9.12 1.32 0.28
CA TYR A 506 9.00 0.08 -0.49
C TYR A 506 10.25 -0.18 -1.30
N ILE A 507 10.72 0.85 -2.01
CA ILE A 507 11.93 0.71 -2.83
C ILE A 507 13.08 0.22 -1.97
N HIS A 508 13.30 0.87 -0.83
CA HIS A 508 14.40 0.47 0.04
C HIS A 508 14.21 -0.94 0.58
N ALA A 509 12.98 -1.29 0.97
CA ALA A 509 12.74 -2.63 1.51
C ALA A 509 13.01 -3.70 0.48
N ILE A 510 12.69 -3.44 -0.78
CA ILE A 510 12.95 -4.42 -1.83
C ILE A 510 14.44 -4.54 -2.07
N ARG A 511 15.16 -3.40 -2.13
CA ARG A 511 16.56 -3.44 -2.50
C ARG A 511 17.43 -4.14 -1.46
N ARG A 512 17.10 -4.03 -0.18
CA ARG A 512 17.91 -4.73 0.81
C ARG A 512 17.58 -6.23 0.90
N ALA A 513 16.49 -6.67 0.28
CA ALA A 513 16.04 -8.04 0.39
C ALA A 513 17.12 -9.03 -0.07
N LYS A 514 17.24 -10.14 0.66
CA LYS A 514 18.22 -11.14 0.29
C LYS A 514 17.68 -12.56 0.23
N ASP A 515 16.49 -12.83 0.79
CA ASP A 515 15.95 -14.20 0.82
C ASP A 515 14.60 -14.30 0.13
N PHE A 516 13.62 -13.49 0.52
CA PHE A 516 12.32 -13.60 -0.11
C PHE A 516 11.51 -12.35 0.19
N ILE A 517 10.48 -12.15 -0.62
CA ILE A 517 9.51 -11.09 -0.42
C ILE A 517 8.13 -11.72 -0.50
N TYR A 518 7.25 -11.35 0.42
CA TYR A 518 5.87 -11.82 0.46
C TYR A 518 4.98 -10.58 0.49
N VAL A 519 4.16 -10.42 -0.54
CA VAL A 519 3.28 -9.26 -0.71
C VAL A 519 1.83 -9.73 -0.66
N GLU A 520 0.99 -9.02 0.08
CA GLU A 520 -0.46 -9.08 -0.10
C GLU A 520 -0.93 -7.68 -0.41
N ASN A 521 -1.62 -7.49 -1.54
CA ASN A 521 -2.06 -6.14 -1.86
C ASN A 521 -3.32 -6.14 -2.71
N GLN A 522 -4.18 -5.16 -2.46
CA GLN A 522 -5.40 -4.99 -3.24
C GLN A 522 -5.11 -4.79 -4.72
N TYR A 523 -4.01 -4.09 -5.06
CA TYR A 523 -3.63 -3.85 -6.45
C TYR A 523 -2.20 -4.29 -6.68
N PHE A 524 -1.89 -4.64 -7.93
CA PHE A 524 -0.49 -4.86 -8.32
C PHE A 524 -0.31 -4.41 -9.77
N LEU A 525 0.07 -3.13 -9.95
CA LEU A 525 0.28 -2.60 -11.28
C LEU A 525 1.21 -1.40 -11.17
N GLY A 526 2.06 -1.19 -12.16
CA GLY A 526 2.90 -0.01 -12.17
C GLY A 526 4.19 -0.23 -12.95
N SER A 527 5.10 0.73 -12.79
CA SER A 527 6.35 0.82 -13.56
C SER A 527 6.07 0.86 -15.05
N SER A 528 5.07 1.66 -15.43
CA SER A 528 4.60 1.62 -16.82
C SER A 528 5.62 2.20 -17.79
N PHE A 529 6.62 2.92 -17.30
CA PHE A 529 7.70 3.34 -18.20
C PHE A 529 8.42 2.15 -18.83
N ALA A 530 8.34 0.97 -18.22
CA ALA A 530 9.02 -0.20 -18.73
C ALA A 530 8.07 -1.23 -19.34
N TRP A 531 6.79 -0.89 -19.51
CA TRP A 531 5.86 -1.77 -20.20
C TRP A 531 6.15 -1.82 -21.69
N ALA A 532 5.83 -2.96 -22.31
CA ALA A 532 5.89 -3.06 -23.76
C ALA A 532 4.89 -2.12 -24.41
N ALA A 533 5.28 -1.53 -25.55
CA ALA A 533 4.38 -0.70 -26.34
C ALA A 533 3.43 -1.57 -27.16
N ASP A 534 2.66 -2.36 -26.44
CA ASP A 534 1.80 -3.40 -27.04
C ASP A 534 0.37 -2.86 -27.06
N GLY A 535 0.03 -2.18 -28.15
CA GLY A 535 -1.27 -1.54 -28.26
C GLY A 535 -1.44 -0.29 -27.43
N ILE A 536 -0.37 0.21 -26.81
CA ILE A 536 -0.40 1.42 -26.00
C ILE A 536 0.86 2.22 -26.30
N THR A 537 0.83 3.51 -25.95
CA THR A 537 2.04 4.31 -25.84
C THR A 537 2.43 4.36 -24.37
N PRO A 538 3.47 3.65 -23.93
CA PRO A 538 3.70 3.54 -22.48
C PRO A 538 3.79 4.87 -21.76
N GLU A 539 4.38 5.89 -22.39
CA GLU A 539 4.53 7.18 -21.73
C GLU A 539 3.21 7.84 -21.40
N ASP A 540 2.12 7.41 -22.04
CA ASP A 540 0.81 7.97 -21.76
C ASP A 540 0.19 7.40 -20.50
N ILE A 541 0.72 6.31 -19.96
CA ILE A 541 0.05 5.63 -18.85
C ILE A 541 0.32 6.37 -17.55
N ASN A 542 1.58 6.74 -17.28
CA ASN A 542 1.96 7.57 -16.14
C ASN A 542 1.84 6.84 -14.81
N ALA A 543 1.86 5.51 -14.81
CA ALA A 543 1.96 4.75 -13.56
C ALA A 543 3.44 4.44 -13.29
N LEU A 544 4.16 5.52 -12.99
CA LEU A 544 5.61 5.53 -13.00
C LEU A 544 6.26 4.95 -11.75
N HIS A 545 5.51 4.61 -10.70
CA HIS A 545 6.17 4.15 -9.48
C HIS A 545 6.94 2.85 -9.74
N LEU A 546 7.91 2.58 -8.87
CA LEU A 546 8.96 1.63 -9.20
C LEU A 546 8.76 0.21 -8.67
N ILE A 547 7.71 -0.05 -7.87
CA ILE A 547 7.69 -1.28 -7.09
C ILE A 547 7.78 -2.53 -7.98
N PRO A 548 6.97 -2.66 -9.06
CA PRO A 548 7.10 -3.89 -9.87
C PRO A 548 8.47 -4.06 -10.53
N LYS A 549 9.06 -2.98 -11.06
CA LYS A 549 10.37 -3.11 -11.69
C LYS A 549 11.47 -3.39 -10.66
N GLU A 550 11.38 -2.78 -9.48
CA GLU A 550 12.36 -3.10 -8.44
C GLU A 550 12.29 -4.57 -8.06
N LEU A 551 11.07 -5.11 -7.95
CA LEU A 551 10.92 -6.53 -7.69
C LEU A 551 11.56 -7.37 -8.78
N SER A 552 11.31 -7.04 -10.05
CA SER A 552 11.86 -7.93 -11.07
C SER A 552 13.37 -7.75 -11.22
N LEU A 553 13.89 -6.54 -11.03
CA LEU A 553 15.35 -6.38 -11.08
C LEU A 553 16.03 -7.04 -9.89
N LYS A 554 15.37 -7.07 -8.74
CA LYS A 554 15.91 -7.82 -7.62
C LYS A 554 15.97 -9.30 -7.96
N ILE A 555 14.90 -9.85 -8.54
CA ILE A 555 14.91 -11.26 -8.95
C ILE A 555 16.04 -11.51 -9.94
N VAL A 556 16.19 -10.61 -10.92
CA VAL A 556 17.23 -10.78 -11.93
C VAL A 556 18.61 -10.77 -11.29
N SER A 557 18.85 -9.84 -10.36
CA SER A 557 20.17 -9.77 -9.73
C SER A 557 20.49 -11.05 -8.97
N LYS A 558 19.49 -11.66 -8.33
CA LYS A 558 19.78 -12.88 -7.59
C LYS A 558 20.06 -14.04 -8.54
N ILE A 559 19.32 -14.12 -9.65
CA ILE A 559 19.58 -15.15 -10.66
C ILE A 559 21.00 -15.02 -11.19
N GLU A 560 21.40 -13.77 -11.50
CA GLU A 560 22.74 -13.52 -11.99
C GLU A 560 23.81 -13.96 -11.00
N LYS A 561 23.54 -13.87 -9.71
CA LYS A 561 24.47 -14.29 -8.66
C LYS A 561 24.32 -15.76 -8.31
N GLY A 562 23.34 -16.44 -8.87
CA GLY A 562 23.06 -17.82 -8.48
C GLY A 562 22.64 -17.96 -7.03
N GLU A 563 21.96 -16.97 -6.48
CA GLU A 563 21.51 -16.97 -5.09
C GLU A 563 20.01 -17.24 -5.05
N LYS A 564 19.58 -18.05 -4.09
CA LYS A 564 18.15 -18.37 -3.97
C LYS A 564 17.35 -17.16 -3.52
N PHE A 565 16.22 -16.94 -4.17
CA PHE A 565 15.34 -15.81 -3.85
C PHE A 565 13.96 -16.08 -4.45
N ARG A 566 12.89 -15.73 -3.73
CA ARG A 566 11.54 -15.98 -4.23
C ARG A 566 10.68 -14.77 -3.92
N VAL A 567 9.78 -14.43 -4.84
CA VAL A 567 8.81 -13.36 -4.63
C VAL A 567 7.42 -13.96 -4.77
N TYR A 568 6.61 -13.83 -3.71
CA TYR A 568 5.24 -14.32 -3.63
C TYR A 568 4.31 -13.12 -3.56
N VAL A 569 3.30 -13.08 -4.42
CA VAL A 569 2.37 -11.94 -4.45
C VAL A 569 0.95 -12.47 -4.41
N VAL A 570 0.16 -11.99 -3.44
CA VAL A 570 -1.25 -12.34 -3.29
C VAL A 570 -2.06 -11.08 -3.60
N VAL A 571 -2.93 -11.16 -4.61
CA VAL A 571 -3.80 -10.07 -5.02
C VAL A 571 -5.23 -10.58 -4.97
N PRO A 572 -6.22 -9.71 -4.96
CA PRO A 572 -7.61 -10.20 -5.09
C PRO A 572 -7.85 -10.81 -6.46
N MET A 573 -8.80 -11.74 -6.51
CA MET A 573 -9.15 -12.31 -7.81
C MET A 573 -9.48 -11.20 -8.80
N TRP A 574 -10.24 -10.20 -8.36
CA TRP A 574 -10.39 -8.96 -9.11
C TRP A 574 -10.67 -7.86 -8.11
N PRO A 575 -10.33 -6.60 -8.43
CA PRO A 575 -10.58 -5.51 -7.49
C PRO A 575 -12.08 -5.26 -7.35
N GLU A 576 -12.48 -4.95 -6.12
CA GLU A 576 -13.87 -4.87 -5.72
C GLU A 576 -14.70 -4.04 -6.70
N GLY A 577 -15.79 -4.64 -7.18
CA GLY A 577 -16.71 -4.00 -8.11
C GLY A 577 -17.23 -4.98 -9.13
N LEU A 578 -18.17 -4.56 -9.99
CA LEU A 578 -18.67 -5.46 -11.00
C LEU A 578 -17.50 -5.84 -11.92
N PRO A 579 -17.15 -7.12 -12.03
CA PRO A 579 -15.90 -7.46 -12.72
C PRO A 579 -15.96 -7.22 -14.23
N GLU A 580 -17.15 -7.16 -14.81
CA GLU A 580 -17.32 -6.84 -16.23
C GLU A 580 -17.21 -5.34 -16.49
N SER A 581 -17.17 -4.51 -15.45
CA SER A 581 -17.20 -3.07 -15.62
C SER A 581 -15.93 -2.56 -16.30
N GLY A 582 -16.07 -1.41 -16.97
CA GLY A 582 -14.90 -0.79 -17.58
C GLY A 582 -13.76 -0.60 -16.59
N SER A 583 -14.08 -0.16 -15.38
CA SER A 583 -13.04 0.16 -14.39
C SER A 583 -12.26 -1.08 -13.99
N VAL A 584 -12.98 -2.13 -13.57
CA VAL A 584 -12.31 -3.36 -13.15
C VAL A 584 -11.54 -3.97 -14.32
N GLN A 585 -12.16 -3.99 -15.50
CA GLN A 585 -11.46 -4.54 -16.66
C GLN A 585 -10.19 -3.76 -16.98
N ALA A 586 -10.23 -2.43 -16.86
CA ALA A 586 -9.04 -1.63 -17.10
C ALA A 586 -7.94 -1.96 -16.11
N ILE A 587 -8.32 -2.17 -14.85
CA ILE A 587 -7.33 -2.47 -13.82
C ILE A 587 -6.69 -3.83 -14.07
N LEU A 588 -7.51 -4.83 -14.42
CA LEU A 588 -6.94 -6.15 -14.73
C LEU A 588 -5.99 -6.07 -15.92
N ASP A 589 -6.27 -5.19 -16.87
CA ASP A 589 -5.37 -5.02 -18.01
C ASP A 589 -4.04 -4.42 -17.57
N TRP A 590 -4.09 -3.38 -16.74
CA TRP A 590 -2.85 -2.81 -16.21
C TRP A 590 -2.08 -3.87 -15.42
N GLN A 591 -2.79 -4.66 -14.61
CA GLN A 591 -2.17 -5.74 -13.86
C GLN A 591 -1.48 -6.72 -14.79
N ARG A 592 -2.15 -7.07 -15.89
CA ARG A 592 -1.60 -8.03 -16.84
C ARG A 592 -0.31 -7.50 -17.46
N ARG A 593 -0.32 -6.21 -17.86
CA ARG A 593 0.88 -5.62 -18.46
C ARG A 593 2.03 -5.60 -17.48
N THR A 594 1.73 -5.34 -16.21
CA THR A 594 2.75 -5.31 -15.18
C THR A 594 3.34 -6.71 -14.97
N MET A 595 2.48 -7.72 -14.84
CA MET A 595 2.98 -9.10 -14.70
C MET A 595 3.83 -9.50 -15.90
N GLU A 596 3.42 -9.11 -17.10
CA GLU A 596 4.14 -9.48 -18.30
C GLU A 596 5.54 -8.85 -18.31
N MET A 597 5.63 -7.58 -17.96
CA MET A 597 6.94 -6.91 -17.87
C MET A 597 7.87 -7.67 -16.93
N MET A 598 7.35 -8.10 -15.77
CA MET A 598 8.21 -8.76 -14.79
C MET A 598 8.63 -10.15 -15.28
N TYR A 599 7.69 -10.92 -15.83
CA TYR A 599 8.08 -12.27 -16.26
C TYR A 599 9.06 -12.23 -17.42
N LYS A 600 8.94 -11.24 -18.31
CA LYS A 600 9.92 -11.11 -19.38
C LYS A 600 11.32 -10.81 -18.83
N ASP A 601 11.39 -9.97 -17.78
CA ASP A 601 12.65 -9.75 -17.08
C ASP A 601 13.21 -11.05 -16.52
N VAL A 602 12.35 -11.84 -15.85
CA VAL A 602 12.81 -13.06 -15.20
C VAL A 602 13.29 -14.08 -16.23
N ILE A 603 12.49 -14.29 -17.28
CA ILE A 603 12.82 -15.30 -18.27
C ILE A 603 14.10 -14.92 -19.00
N GLN A 604 14.29 -13.66 -19.26
CA GLN A 604 15.50 -13.22 -19.94
C GLN A 604 16.72 -13.51 -19.08
N ALA A 605 16.60 -13.30 -17.78
CA ALA A 605 17.70 -13.58 -16.87
C ALA A 605 17.99 -15.08 -16.78
N LEU A 606 16.94 -15.89 -16.70
CA LEU A 606 17.12 -17.34 -16.66
C LEU A 606 17.83 -17.83 -17.92
N ARG A 607 17.41 -17.33 -19.08
CA ARG A 607 18.00 -17.78 -20.33
C ARG A 607 19.45 -17.34 -20.45
N ALA A 608 19.79 -16.14 -19.97
CA ALA A 608 21.16 -15.69 -19.99
C ALA A 608 22.07 -16.52 -19.10
N GLN A 609 21.52 -17.18 -18.08
CA GLN A 609 22.27 -18.12 -17.26
C GLN A 609 22.25 -19.53 -17.82
N GLY A 610 21.62 -19.73 -18.98
CA GLY A 610 21.51 -21.06 -19.53
C GLY A 610 20.52 -21.94 -18.82
N LEU A 611 19.57 -21.35 -18.11
CA LEU A 611 18.61 -22.10 -17.32
C LEU A 611 17.29 -22.19 -18.07
N GLU A 612 16.69 -23.36 -18.07
CA GLU A 612 15.37 -23.55 -18.60
C GLU A 612 14.54 -24.01 -17.46
N GLU A 613 13.87 -23.06 -16.86
CA GLU A 613 13.10 -23.33 -15.67
C GLU A 613 11.79 -22.55 -15.70
N ASP A 614 10.87 -22.99 -14.87
CA ASP A 614 9.57 -22.35 -14.75
C ASP A 614 9.79 -21.03 -14.04
N PRO A 615 9.52 -19.89 -14.67
CA PRO A 615 9.75 -18.61 -13.97
C PRO A 615 8.85 -18.45 -12.76
N ARG A 616 7.81 -19.27 -12.64
CA ARG A 616 6.97 -19.20 -11.46
C ARG A 616 7.62 -19.82 -10.23
N ASN A 617 8.80 -20.41 -10.38
CA ASN A 617 9.59 -20.73 -9.19
C ASN A 617 10.44 -19.58 -8.71
N TYR A 618 10.32 -18.42 -9.35
CA TYR A 618 10.97 -17.19 -8.95
C TYR A 618 9.98 -16.09 -8.61
N LEU A 619 8.89 -15.98 -9.36
CA LEU A 619 7.86 -14.98 -9.14
C LEU A 619 6.51 -15.66 -9.28
N THR A 620 5.70 -15.65 -8.22
CA THR A 620 4.47 -16.41 -8.23
C THR A 620 3.32 -15.55 -7.72
N PHE A 621 2.21 -15.53 -8.45
CA PHE A 621 1.03 -14.74 -8.11
C PHE A 621 -0.11 -15.66 -7.68
N PHE A 622 -0.81 -15.24 -6.62
CA PHE A 622 -1.95 -15.97 -6.09
C PHE A 622 -3.13 -15.03 -5.90
N CYS A 623 -4.31 -15.60 -5.76
CA CYS A 623 -5.43 -14.90 -5.14
C CYS A 623 -6.02 -15.81 -4.09
N LEU A 624 -7.11 -15.34 -3.45
CA LEU A 624 -7.77 -16.08 -2.39
C LEU A 624 -9.21 -16.40 -2.78
N GLY A 625 -9.66 -17.58 -2.39
CA GLY A 625 -11.05 -17.95 -2.60
C GLY A 625 -11.53 -18.91 -1.53
N ASN A 626 -12.85 -19.05 -1.45
CA ASN A 626 -13.45 -20.02 -0.56
C ASN A 626 -14.56 -20.72 -1.32
N ARG A 627 -14.95 -21.87 -0.79
CA ARG A 627 -16.03 -22.67 -1.36
C ARG A 627 -16.55 -23.53 -0.22
N GLU A 628 -17.87 -23.48 0.01
CA GLU A 628 -18.49 -24.11 1.16
C GLU A 628 -19.63 -25.01 0.69
N VAL A 629 -19.57 -26.29 1.08
CA VAL A 629 -20.73 -27.15 0.88
C VAL A 629 -21.90 -26.61 1.69
N LYS A 630 -23.12 -26.83 1.20
CA LYS A 630 -24.30 -26.42 1.94
C LYS A 630 -24.61 -27.49 2.98
N LYS A 631 -24.39 -27.15 4.25
CA LYS A 631 -24.70 -28.04 5.35
C LYS A 631 -26.03 -27.65 5.99
N ASP A 632 -26.52 -28.52 6.87
CA ASP A 632 -27.81 -28.28 7.48
C ASP A 632 -27.79 -27.04 8.35
N GLY A 633 -28.95 -26.40 8.48
CA GLY A 633 -29.12 -25.29 9.39
C GLY A 633 -28.60 -23.94 8.92
N GLU A 634 -28.15 -23.82 7.70
CA GLU A 634 -27.61 -22.57 7.22
C GLU A 634 -28.75 -21.59 6.91
N TYR A 635 -28.44 -20.29 6.99
CA TYR A 635 -29.38 -19.24 6.64
C TYR A 635 -30.07 -19.52 5.30
N GLU A 636 -31.39 -19.42 5.31
CA GLU A 636 -32.20 -19.60 4.11
C GLU A 636 -32.80 -18.27 3.70
N PRO A 637 -32.34 -17.66 2.60
CA PRO A 637 -32.90 -16.37 2.18
C PRO A 637 -34.34 -16.50 1.68
N ALA A 638 -35.10 -15.42 1.88
CA ALA A 638 -36.48 -15.35 1.42
C ALA A 638 -36.61 -15.23 -0.08
N GLU A 639 -35.59 -14.70 -0.76
CA GLU A 639 -35.63 -14.42 -2.18
C GLU A 639 -34.40 -15.04 -2.86
N LYS A 640 -34.37 -14.94 -4.18
CA LYS A 640 -33.29 -15.50 -4.99
C LYS A 640 -32.76 -14.44 -5.94
N PRO A 641 -31.54 -14.61 -6.45
CA PRO A 641 -31.07 -13.75 -7.54
C PRO A 641 -31.78 -14.07 -8.83
N ASP A 642 -31.66 -13.15 -9.81
CA ASP A 642 -32.23 -13.37 -11.12
C ASP A 642 -31.53 -14.54 -11.83
N PRO A 643 -32.22 -15.21 -12.76
CA PRO A 643 -31.88 -16.60 -13.09
C PRO A 643 -30.59 -16.84 -13.85
N ASP A 644 -30.05 -15.87 -14.58
CA ASP A 644 -28.84 -16.10 -15.38
C ASP A 644 -27.84 -14.96 -15.12
N THR A 645 -27.52 -14.75 -13.85
CA THR A 645 -26.66 -13.67 -13.42
C THR A 645 -25.42 -14.24 -12.72
N ASP A 646 -24.40 -13.39 -12.61
CA ASP A 646 -23.23 -13.72 -11.80
C ASP A 646 -23.65 -14.15 -10.41
N TYR A 647 -24.55 -13.38 -9.79
CA TYR A 647 -25.07 -13.65 -8.45
C TYR A 647 -25.65 -15.06 -8.35
N MET A 648 -26.58 -15.41 -9.24
CA MET A 648 -27.16 -16.74 -9.22
C MET A 648 -26.10 -17.82 -9.41
N ARG A 649 -25.18 -17.61 -10.35
CA ARG A 649 -24.16 -18.61 -10.61
C ARG A 649 -23.27 -18.82 -9.39
N ALA A 650 -22.87 -17.73 -8.75
CA ALA A 650 -22.00 -17.84 -7.57
C ALA A 650 -22.73 -18.47 -6.40
N GLN A 651 -24.01 -18.12 -6.23
CA GLN A 651 -24.79 -18.71 -5.16
C GLN A 651 -24.93 -20.21 -5.35
N GLU A 652 -25.15 -20.64 -6.60
CA GLU A 652 -25.36 -22.06 -6.86
C GLU A 652 -24.06 -22.84 -6.83
N ALA A 653 -22.97 -22.25 -7.34
CA ALA A 653 -21.67 -22.92 -7.28
C ALA A 653 -21.04 -22.89 -5.90
N ARG A 654 -21.57 -22.08 -4.98
CA ARG A 654 -21.15 -22.07 -3.57
C ARG A 654 -19.74 -21.54 -3.39
N ARG A 655 -19.31 -20.58 -4.20
CA ARG A 655 -17.92 -20.13 -4.17
C ARG A 655 -17.83 -18.65 -4.45
N PHE A 656 -16.76 -18.04 -3.95
CA PHE A 656 -16.43 -16.65 -4.26
C PHE A 656 -15.00 -16.40 -3.81
N MET A 657 -14.39 -15.37 -4.39
CA MET A 657 -13.10 -14.92 -3.90
C MET A 657 -13.22 -14.48 -2.44
N ILE A 658 -12.12 -14.61 -1.72
CA ILE A 658 -11.93 -13.87 -0.48
C ILE A 658 -11.20 -12.59 -0.87
N TYR A 659 -11.80 -11.44 -0.58
CA TYR A 659 -11.22 -10.20 -1.05
C TYR A 659 -9.92 -9.90 -0.32
N VAL A 660 -8.86 -9.64 -1.08
CA VAL A 660 -7.56 -9.29 -0.53
C VAL A 660 -7.50 -7.76 -0.50
N HIS A 661 -7.83 -7.17 0.65
CA HIS A 661 -7.72 -5.73 0.79
C HIS A 661 -6.42 -5.30 1.48
N THR A 662 -5.63 -6.27 1.93
CA THR A 662 -4.34 -6.03 2.56
C THR A 662 -3.49 -5.04 1.76
N LYS A 663 -2.62 -4.31 2.48
CA LYS A 663 -1.53 -3.53 1.85
C LYS A 663 -0.29 -3.78 2.72
N MET A 664 0.37 -4.92 2.50
CA MET A 664 1.45 -5.34 3.38
C MET A 664 2.56 -6.04 2.61
N MET A 665 3.78 -5.82 3.04
CA MET A 665 4.93 -6.53 2.49
C MET A 665 5.88 -6.98 3.57
N ILE A 666 6.24 -8.25 3.55
CA ILE A 666 7.19 -8.83 4.49
C ILE A 666 8.44 -9.20 3.70
N VAL A 667 9.60 -8.82 4.22
CA VAL A 667 10.87 -9.10 3.55
C VAL A 667 11.73 -9.91 4.49
N ASP A 668 12.15 -11.10 4.05
CA ASP A 668 13.16 -11.88 4.74
C ASP A 668 12.74 -12.29 6.16
N ASP A 669 11.44 -12.30 6.43
CA ASP A 669 10.90 -12.57 7.76
C ASP A 669 11.38 -11.58 8.81
N GLU A 670 11.96 -10.43 8.41
CA GLU A 670 12.59 -9.52 9.35
C GLU A 670 12.09 -8.08 9.28
N TYR A 671 11.42 -7.67 8.20
CA TYR A 671 10.99 -6.28 8.02
C TYR A 671 9.60 -6.33 7.43
N ILE A 672 8.72 -5.44 7.87
CA ILE A 672 7.33 -5.47 7.43
C ILE A 672 6.86 -4.04 7.21
N ILE A 673 6.09 -3.85 6.15
CA ILE A 673 5.35 -2.61 5.91
C ILE A 673 3.89 -2.96 5.96
N ILE A 674 3.12 -2.18 6.72
CA ILE A 674 1.67 -2.31 6.80
C ILE A 674 1.10 -0.91 6.68
N GLY A 675 0.14 -0.73 5.79
CA GLY A 675 -0.49 0.58 5.73
C GLY A 675 -1.74 0.56 4.88
N SER A 676 -2.07 1.74 4.34
CA SER A 676 -3.21 1.92 3.47
C SER A 676 -2.86 1.89 1.99
N ALA A 677 -1.56 1.91 1.64
CA ALA A 677 -1.14 2.17 0.27
C ALA A 677 -1.13 0.89 -0.58
N ASN A 678 -1.91 0.91 -1.66
CA ASN A 678 -1.90 -0.15 -2.65
C ASN A 678 -0.67 -0.04 -3.57
N ILE A 679 -0.37 -1.13 -4.25
CA ILE A 679 0.71 -1.13 -5.26
C ILE A 679 0.05 -0.68 -6.56
N ASN A 680 -0.15 0.63 -6.66
CA ASN A 680 -0.64 1.29 -7.86
C ASN A 680 -0.21 2.75 -7.78
N GLN A 681 -0.45 3.49 -8.86
CA GLN A 681 -0.01 4.88 -8.86
C GLN A 681 -0.86 5.74 -7.94
N ARG A 682 -2.16 5.44 -7.85
CA ARG A 682 -3.03 6.18 -6.95
C ARG A 682 -2.46 6.27 -5.54
N SER A 683 -1.86 5.18 -5.05
CA SER A 683 -1.30 5.17 -3.69
C SER A 683 0.16 5.58 -3.63
N MET A 684 0.96 5.22 -4.63
CA MET A 684 2.40 5.41 -4.50
C MET A 684 2.85 6.78 -4.95
N ASP A 685 1.99 7.54 -5.63
CA ASP A 685 2.44 8.77 -6.27
C ASP A 685 2.88 9.80 -5.24
N GLY A 686 2.06 10.02 -4.22
CA GLY A 686 2.31 11.10 -3.30
C GLY A 686 1.31 12.23 -3.42
N ALA A 687 0.91 12.57 -4.64
CA ALA A 687 -0.05 13.64 -4.87
C ALA A 687 -1.38 13.14 -5.41
N ARG A 688 -1.65 11.83 -5.33
CA ARG A 688 -2.94 11.31 -5.73
C ARG A 688 -3.96 10.94 -4.64
N ASP A 689 -3.81 9.80 -3.97
CA ASP A 689 -4.71 9.49 -2.86
C ASP A 689 -3.73 9.73 -1.70
N SER A 690 -4.27 10.14 -0.55
CA SER A 690 -3.43 10.27 0.64
C SER A 690 -3.37 8.91 1.33
N GLU A 691 -2.19 8.56 1.86
CA GLU A 691 -1.93 7.22 2.37
C GLU A 691 -1.03 7.33 3.58
N ILE A 692 -0.97 6.24 4.35
CA ILE A 692 -0.04 6.15 5.46
C ILE A 692 0.37 4.70 5.63
N ALA A 693 1.58 4.49 6.12
CA ALA A 693 2.09 3.13 6.32
C ALA A 693 3.21 3.19 7.34
N MET A 694 3.38 2.10 8.10
CA MET A 694 4.54 1.98 8.96
C MET A 694 5.45 0.89 8.41
N GLY A 695 6.74 1.07 8.62
CA GLY A 695 7.67 -0.01 8.32
C GLY A 695 8.47 -0.28 9.58
N GLY A 696 8.69 -1.56 9.91
CA GLY A 696 9.30 -1.86 11.18
C GLY A 696 10.04 -3.18 11.16
N TYR A 697 10.92 -3.32 12.15
CA TYR A 697 11.62 -4.57 12.39
C TYR A 697 11.92 -4.61 13.89
N GLN A 698 12.26 -5.80 14.37
CA GLN A 698 12.75 -5.94 15.73
C GLN A 698 14.26 -6.07 15.64
N PRO A 699 15.02 -5.13 16.21
CA PRO A 699 16.49 -5.16 16.01
C PRO A 699 17.17 -6.42 16.51
N HIS A 700 16.54 -7.17 17.41
CA HIS A 700 17.13 -8.40 17.93
C HIS A 700 16.67 -9.64 17.20
N HIS A 701 15.81 -9.49 16.19
CA HIS A 701 15.27 -10.60 15.42
C HIS A 701 15.48 -10.28 13.93
N LEU A 702 16.76 -10.28 13.54
CA LEU A 702 17.14 -10.04 12.16
C LEU A 702 17.59 -11.36 11.53
N SER A 703 17.64 -11.36 10.20
CA SER A 703 17.96 -12.54 9.40
C SER A 703 19.44 -12.64 9.07
N HIS A 704 20.30 -12.04 9.88
CA HIS A 704 21.72 -11.97 9.55
C HIS A 704 22.49 -13.27 9.73
N ARG A 705 22.74 -13.66 10.98
CA ARG A 705 23.58 -14.81 11.26
C ARG A 705 22.70 -16.00 11.66
N GLN A 706 21.51 -15.73 12.17
CA GLN A 706 20.49 -16.72 12.46
C GLN A 706 19.23 -16.37 11.68
N PRO A 707 18.33 -17.33 11.46
CA PRO A 707 17.05 -16.99 10.81
C PRO A 707 16.25 -16.03 11.68
N ALA A 708 15.48 -15.17 11.05
CA ALA A 708 14.61 -14.26 11.78
C ALA A 708 13.40 -15.04 12.32
N ARG A 709 13.26 -15.09 13.64
CA ARG A 709 12.20 -15.86 14.27
C ARG A 709 11.52 -15.02 15.35
N GLY A 710 11.22 -13.77 15.00
CA GLY A 710 10.45 -12.88 15.87
C GLY A 710 9.00 -12.75 15.43
N GLN A 711 8.41 -11.61 15.79
CA GLN A 711 6.98 -11.42 15.56
C GLN A 711 6.64 -11.45 14.07
N ILE A 712 7.52 -10.88 13.23
CA ILE A 712 7.20 -10.83 11.80
C ILE A 712 7.18 -12.24 11.23
N HIS A 713 8.15 -13.07 11.64
CA HIS A 713 8.14 -14.48 11.27
C HIS A 713 6.86 -15.16 11.74
N GLY A 714 6.51 -15.00 13.04
CA GLY A 714 5.28 -15.60 13.54
C GLY A 714 4.06 -15.20 12.74
N PHE A 715 3.95 -13.90 12.44
CA PHE A 715 2.83 -13.37 11.65
C PHE A 715 2.79 -13.97 10.25
N ARG A 716 3.93 -13.98 9.57
CA ARG A 716 3.99 -14.53 8.22
C ARG A 716 3.55 -15.99 8.23
N MET A 717 4.02 -16.74 9.21
CA MET A 717 3.62 -18.14 9.30
C MET A 717 2.14 -18.27 9.59
N SER A 718 1.59 -17.38 10.44
CA SER A 718 0.17 -17.42 10.75
C SER A 718 -0.67 -17.10 9.50
N LEU A 719 -0.22 -16.14 8.70
CA LEU A 719 -0.89 -15.84 7.44
C LEU A 719 -0.86 -17.05 6.50
N TRP A 720 0.32 -17.67 6.36
CA TRP A 720 0.43 -18.83 5.49
C TRP A 720 -0.46 -19.98 5.97
N TYR A 721 -0.56 -20.16 7.29
CA TYR A 721 -1.47 -21.18 7.81
C TYR A 721 -2.92 -20.87 7.44
N GLU A 722 -3.32 -19.61 7.57
CA GLU A 722 -4.65 -19.22 7.13
C GLU A 722 -4.87 -19.54 5.66
N HIS A 723 -3.94 -19.15 4.78
CA HIS A 723 -4.21 -19.30 3.35
C HIS A 723 -4.03 -20.73 2.86
N LEU A 724 -3.06 -21.45 3.41
CA LEU A 724 -2.77 -22.79 2.93
C LEU A 724 -3.51 -23.89 3.70
N GLY A 725 -4.05 -23.56 4.88
CA GLY A 725 -4.74 -24.52 5.73
C GLY A 725 -3.83 -25.43 6.52
N MET A 726 -2.52 -25.23 6.43
CA MET A 726 -1.54 -26.11 7.04
C MET A 726 -0.25 -25.33 7.16
N LEU A 727 0.61 -25.78 8.07
CA LEU A 727 2.00 -25.40 8.05
C LEU A 727 2.87 -26.63 7.80
N ASP A 728 4.01 -26.40 7.19
CA ASP A 728 4.95 -27.42 6.79
C ASP A 728 6.36 -26.91 7.06
N GLU A 729 7.25 -27.84 7.38
CA GLU A 729 8.63 -27.48 7.66
C GLU A 729 9.24 -26.67 6.51
N THR A 730 8.89 -26.98 5.25
CA THR A 730 9.47 -26.23 4.15
C THR A 730 9.10 -24.74 4.20
N PHE A 731 8.01 -24.38 4.89
CA PHE A 731 7.56 -22.99 4.92
C PHE A 731 8.43 -22.12 5.82
N LEU A 732 9.27 -22.71 6.67
CA LEU A 732 10.18 -21.94 7.51
C LEU A 732 11.17 -21.13 6.68
N ASP A 733 11.55 -21.62 5.49
CA ASP A 733 12.55 -20.96 4.66
C ASP A 733 11.95 -20.71 3.27
N PRO A 734 11.23 -19.60 3.10
CA PRO A 734 10.56 -19.36 1.81
C PRO A 734 11.50 -19.05 0.68
N SER A 735 12.80 -18.91 0.92
CA SER A 735 13.69 -18.75 -0.23
C SER A 735 13.98 -20.07 -0.94
N SER A 736 13.61 -21.21 -0.36
CA SER A 736 14.02 -22.50 -0.90
C SER A 736 13.17 -22.89 -2.10
N LEU A 737 13.78 -23.65 -3.01
CA LEU A 737 13.01 -24.19 -4.14
C LEU A 737 11.89 -25.09 -3.65
N GLU A 738 12.15 -25.87 -2.59
CA GLU A 738 11.15 -26.79 -2.09
C GLU A 738 9.94 -26.03 -1.57
N CYS A 739 10.17 -24.87 -0.97
CA CYS A 739 9.06 -24.10 -0.44
C CYS A 739 8.16 -23.60 -1.57
N ILE A 740 8.73 -22.88 -2.55
CA ILE A 740 7.87 -22.29 -3.56
C ILE A 740 7.20 -23.39 -4.39
N GLU A 741 7.89 -24.51 -4.63
CA GLU A 741 7.24 -25.59 -5.36
C GLU A 741 6.04 -26.13 -4.60
N LYS A 742 6.17 -26.29 -3.28
CA LYS A 742 5.07 -26.82 -2.48
C LYS A 742 3.91 -25.83 -2.42
N VAL A 743 4.20 -24.55 -2.18
CA VAL A 743 3.15 -23.53 -2.16
C VAL A 743 2.43 -23.49 -3.50
N ASN A 744 3.18 -23.49 -4.59
CA ASN A 744 2.57 -23.45 -5.92
C ASN A 744 1.68 -24.66 -6.16
N ARG A 745 2.17 -25.85 -5.81
CA ARG A 745 1.43 -27.08 -6.01
C ARG A 745 0.13 -27.07 -5.20
N ILE A 746 0.20 -26.65 -3.94
CA ILE A 746 -1.01 -26.55 -3.13
C ILE A 746 -1.99 -25.56 -3.74
N SER A 747 -1.48 -24.40 -4.20
CA SER A 747 -2.35 -23.39 -4.80
C SER A 747 -2.98 -23.86 -6.11
N ASP A 748 -2.30 -24.74 -6.85
CA ASP A 748 -2.92 -25.35 -8.03
C ASP A 748 -4.03 -26.30 -7.62
N LYS A 749 -3.79 -27.10 -6.57
CA LYS A 749 -4.82 -28.00 -6.07
C LYS A 749 -6.06 -27.23 -5.64
N TYR A 750 -5.88 -26.10 -4.96
CA TYR A 750 -7.02 -25.35 -4.46
C TYR A 750 -7.77 -24.67 -5.61
N TRP A 751 -7.05 -24.19 -6.63
CA TRP A 751 -7.73 -23.67 -7.82
C TRP A 751 -8.57 -24.76 -8.48
N ASP A 752 -8.05 -25.99 -8.54
CA ASP A 752 -8.82 -27.08 -9.12
C ASP A 752 -10.11 -27.31 -8.32
N PHE A 753 -10.00 -27.30 -6.99
CA PHE A 753 -11.20 -27.46 -6.15
C PHE A 753 -12.15 -26.28 -6.33
N TYR A 754 -11.60 -25.07 -6.38
CA TYR A 754 -12.41 -23.87 -6.49
C TYR A 754 -13.20 -23.86 -7.80
N SER A 755 -12.51 -24.11 -8.92
CA SER A 755 -13.06 -23.92 -10.25
C SER A 755 -13.80 -25.16 -10.77
N SER A 756 -13.78 -26.27 -10.07
CA SER A 756 -14.45 -27.48 -10.55
C SER A 756 -15.96 -27.27 -10.65
N GLU A 757 -16.60 -28.00 -11.58
CA GLU A 757 -18.05 -28.02 -11.61
C GLU A 757 -18.62 -28.72 -10.37
N SER A 758 -17.93 -29.74 -9.85
CA SER A 758 -18.44 -30.55 -8.76
C SER A 758 -17.89 -30.07 -7.42
N LEU A 759 -18.63 -30.37 -6.35
CA LEU A 759 -18.28 -29.93 -5.01
C LEU A 759 -18.68 -31.00 -4.01
N GLU A 760 -17.69 -31.53 -3.29
CA GLU A 760 -17.90 -32.54 -2.27
C GLU A 760 -17.53 -32.10 -0.86
N HIS A 761 -16.65 -31.11 -0.70
CA HIS A 761 -16.12 -30.72 0.59
C HIS A 761 -15.73 -29.26 0.51
N ASP A 762 -15.75 -28.60 1.67
CA ASP A 762 -15.23 -27.24 1.76
C ASP A 762 -13.83 -27.21 1.18
N LEU A 763 -13.47 -26.07 0.60
CA LEU A 763 -12.09 -25.86 0.20
C LEU A 763 -11.19 -26.05 1.42
N PRO A 764 -10.13 -26.87 1.34
CA PRO A 764 -9.29 -27.09 2.54
C PRO A 764 -8.43 -25.90 2.89
N GLY A 765 -8.22 -24.98 1.96
CA GLY A 765 -7.50 -23.74 2.22
C GLY A 765 -7.97 -22.70 1.21
N HIS A 766 -7.33 -21.54 1.18
CA HIS A 766 -7.84 -20.44 0.40
C HIS A 766 -6.91 -19.97 -0.71
N LEU A 767 -5.63 -20.34 -0.68
CA LEU A 767 -4.67 -19.80 -1.64
C LEU A 767 -4.86 -20.46 -3.02
N LEU A 768 -5.19 -19.64 -4.03
CA LEU A 768 -5.39 -20.12 -5.39
C LEU A 768 -4.27 -19.59 -6.27
N ARG A 769 -3.72 -20.44 -7.12
CA ARG A 769 -2.83 -19.94 -8.16
C ARG A 769 -3.58 -18.90 -8.98
N TYR A 770 -3.01 -17.71 -9.16
CA TYR A 770 -3.74 -16.69 -9.92
C TYR A 770 -4.04 -17.26 -11.31
N PRO A 771 -5.27 -17.20 -11.76
CA PRO A 771 -5.72 -18.05 -12.89
C PRO A 771 -5.29 -17.50 -14.24
N ILE A 772 -3.97 -17.41 -14.43
CA ILE A 772 -3.35 -17.07 -15.71
C ILE A 772 -2.23 -18.08 -15.96
N GLY A 773 -1.78 -18.13 -17.22
CA GLY A 773 -0.57 -18.85 -17.54
C GLY A 773 0.54 -17.90 -17.96
N VAL A 774 1.78 -18.36 -17.95
CA VAL A 774 2.94 -17.57 -18.41
C VAL A 774 3.52 -18.29 -19.61
N ALA A 775 3.44 -17.66 -20.77
CA ALA A 775 3.99 -18.24 -22.00
C ALA A 775 5.51 -18.36 -21.90
N SER A 776 6.10 -19.16 -22.80
CA SER A 776 7.54 -19.35 -22.72
C SER A 776 8.32 -18.04 -22.86
N GLU A 777 7.76 -17.04 -23.55
CA GLU A 777 8.44 -15.76 -23.71
C GLU A 777 7.97 -14.68 -22.73
N GLY A 778 7.10 -15.04 -21.79
CA GLY A 778 6.70 -14.12 -20.75
C GLY A 778 5.32 -13.51 -20.92
N ASP A 779 4.69 -13.71 -22.07
CA ASP A 779 3.32 -13.25 -22.26
C ASP A 779 2.39 -13.95 -21.28
N ILE A 780 1.44 -13.19 -20.76
CA ILE A 780 0.42 -13.72 -19.88
C ILE A 780 -0.70 -14.29 -20.74
N THR A 781 -1.08 -15.53 -20.48
CA THR A 781 -2.10 -16.22 -21.27
C THR A 781 -3.28 -16.58 -20.39
N GLU A 782 -4.43 -16.77 -21.03
CA GLU A 782 -5.55 -17.36 -20.31
C GLU A 782 -5.28 -18.84 -20.05
N LEU A 783 -5.85 -19.34 -18.96
CA LEU A 783 -5.93 -20.76 -18.75
C LEU A 783 -6.98 -21.37 -19.69
N PRO A 784 -6.76 -22.60 -20.15
CA PRO A 784 -7.77 -23.26 -20.99
C PRO A 784 -9.10 -23.36 -20.27
N GLY A 785 -10.14 -22.81 -20.90
CA GLY A 785 -11.45 -22.85 -20.32
C GLY A 785 -11.77 -21.73 -19.35
N PHE A 786 -10.84 -20.82 -19.10
CA PHE A 786 -11.07 -19.74 -18.15
C PHE A 786 -10.71 -18.40 -18.78
N GLU A 787 -11.34 -18.08 -19.90
CA GLU A 787 -11.31 -16.70 -20.35
C GLU A 787 -11.92 -15.79 -19.31
N PHE A 788 -12.96 -16.26 -18.62
CA PHE A 788 -13.67 -15.49 -17.61
C PHE A 788 -13.43 -16.07 -16.22
N PHE A 789 -13.53 -15.22 -15.21
CA PHE A 789 -13.55 -15.72 -13.84
C PHE A 789 -14.72 -16.67 -13.66
N PRO A 790 -14.58 -17.74 -12.87
CA PRO A 790 -15.70 -18.64 -12.63
C PRO A 790 -16.93 -17.87 -12.17
N ASP A 791 -18.07 -18.18 -12.77
CA ASP A 791 -19.40 -17.66 -12.51
C ASP A 791 -19.64 -16.26 -13.09
N THR A 792 -18.68 -15.70 -13.83
CA THR A 792 -18.80 -14.36 -14.39
C THR A 792 -18.68 -14.39 -15.91
N LYS A 793 -18.93 -13.22 -16.50
CA LYS A 793 -18.63 -12.94 -17.90
C LYS A 793 -17.46 -11.96 -17.99
N ALA A 794 -16.58 -11.98 -16.99
CA ALA A 794 -15.52 -10.98 -16.86
C ALA A 794 -14.19 -11.59 -17.28
N ARG A 795 -13.51 -10.95 -18.22
CA ARG A 795 -12.21 -11.44 -18.68
C ARG A 795 -11.15 -11.33 -17.58
N ILE A 796 -10.48 -12.45 -17.29
CA ILE A 796 -9.40 -12.46 -16.30
C ILE A 796 -8.26 -11.53 -16.74
N LEU A 797 -7.96 -11.52 -18.04
CA LEU A 797 -6.87 -10.69 -18.53
C LEU A 797 -7.25 -9.21 -18.61
N GLY A 798 -8.52 -8.86 -18.42
CA GLY A 798 -8.93 -7.49 -18.47
C GLY A 798 -9.14 -6.98 -19.89
N THR A 799 -9.46 -5.69 -19.97
CA THR A 799 -9.79 -5.02 -21.22
C THR A 799 -9.37 -3.57 -21.07
N LYS A 800 -8.52 -3.09 -21.98
CA LYS A 800 -8.17 -1.68 -21.98
C LYS A 800 -9.40 -0.86 -22.34
N SER A 801 -9.60 0.24 -21.62
CA SER A 801 -10.76 1.09 -21.81
C SER A 801 -10.49 2.16 -22.85
N ASP A 802 -11.52 2.47 -23.64
CA ASP A 802 -11.45 3.56 -24.60
C ASP A 802 -12.08 4.84 -24.08
N TYR A 803 -12.61 4.82 -22.86
CA TYR A 803 -13.30 5.95 -22.25
C TYR A 803 -12.64 6.43 -20.97
N LEU A 804 -12.09 5.52 -20.17
CA LEU A 804 -11.54 5.87 -18.87
C LEU A 804 -10.07 6.23 -19.02
N PRO A 805 -9.67 7.47 -18.72
CA PRO A 805 -8.26 7.83 -18.81
C PRO A 805 -7.46 7.09 -17.76
N PRO A 806 -6.20 6.75 -18.05
CA PRO A 806 -5.42 5.98 -17.06
C PRO A 806 -5.26 6.67 -15.72
N ILE A 807 -5.37 8.01 -15.67
CA ILE A 807 -5.30 8.71 -14.39
C ILE A 807 -6.33 8.17 -13.40
N LEU A 808 -7.47 7.71 -13.91
CA LEU A 808 -8.53 7.21 -13.03
C LEU A 808 -8.26 5.83 -12.50
N THR A 809 -7.60 4.98 -13.29
CA THR A 809 -7.57 3.56 -13.01
C THR A 809 -6.20 3.02 -12.62
N THR A 810 -5.14 3.84 -12.65
CA THR A 810 -3.79 3.34 -12.30
C THR A 810 -3.33 3.56 -10.85
#